data_1UPS
#
_entry.id   1UPS
#
_cell.length_a   160.430
_cell.length_b   160.430
_cell.length_c   86.140
_cell.angle_alpha   90.00
_cell.angle_beta   90.00
_cell.angle_gamma   120.00
#
_symmetry.space_group_name_H-M   'P 63'
#
loop_
_entity.id
_entity.type
_entity.pdbx_description
1 polymer 'GLCNAC-ALPHA-1,4-GAL-RELEASING ENDO-BETA-GALACTOSIDASE'
2 non-polymer 'CALCIUM ION'
3 water water
#
_entity_poly.entity_id   1
_entity_poly.type   'polypeptide(L)'
_entity_poly.pdbx_seq_one_letter_code
;MFVFMLLLLLPFTISKAKDFPANPIEKAGYKLDFSDEFNGPTLDREKWTDYYLPHWCKDPESAKANYRFENGSLVEYITE
DQKPWCPEHDGTVRSSAIMSFDKSWIHNFSGTTDNHERNEWRGYTTKYGYFEIRAKLSNTGGGGHQAWWMVGMQDDTNDW
FNSKQTGEIDILETFFSKKDTWRIAAYGWNDPNFQTSWTISEDKVPSGDPTSEYHIYAMEWTPTALKFYYDNELFKVIYG
SPDYEMGTILNIYTDAGSGAHNDVWPKEWAIDYMRVWKPVDGYKESESLNNYLIRNRQTGKFLYIEENNDKVSYGDITLK
NEKNAKWSKEYRDGYTLLKNNETGEYLNIENQTGYIEHGKVPKTWWSAQWSEVPVDGYTRFVNRWKPNMSIHTESYEGVL
QYGNVPNTYWTSQWQLIPVE
;
_entity_poly.pdbx_strand_id   A,B
#
loop_
_chem_comp.id
_chem_comp.type
_chem_comp.name
_chem_comp.formula
CA non-polymer 'CALCIUM ION' 'Ca 2'
#
# COMPACT_ATOMS: atom_id res chain seq x y z
N ALA A 17 12.80 16.15 35.39
CA ALA A 17 13.87 17.11 34.98
C ALA A 17 14.49 16.72 33.62
N LYS A 18 14.13 15.53 33.13
CA LYS A 18 14.71 15.02 31.89
C LYS A 18 13.82 15.29 30.67
N ASP A 19 12.64 15.88 30.90
CA ASP A 19 11.82 16.35 29.76
C ASP A 19 12.57 17.46 29.06
N PHE A 20 12.44 17.55 27.74
CA PHE A 20 12.92 18.72 27.02
C PHE A 20 11.93 19.86 27.24
N PRO A 21 12.40 21.06 27.58
CA PRO A 21 11.48 22.17 27.91
C PRO A 21 10.57 22.54 26.75
N ALA A 22 9.31 22.85 27.04
CA ALA A 22 8.41 23.37 26.02
C ALA A 22 8.99 24.62 25.34
N ASN A 23 8.86 24.69 24.01
CA ASN A 23 9.19 25.92 23.28
C ASN A 23 8.18 27.04 23.60
N PRO A 24 8.56 28.31 23.36
CA PRO A 24 7.63 29.42 23.53
C PRO A 24 6.54 29.41 22.46
N ILE A 25 5.39 30.00 22.79
CA ILE A 25 4.29 30.06 21.82
C ILE A 25 4.65 30.99 20.65
N GLU A 26 5.35 32.07 20.94
CA GLU A 26 5.81 32.99 19.89
C GLU A 26 7.18 32.58 19.38
N LYS A 27 7.28 32.47 18.05
CA LYS A 27 8.49 32.04 17.35
C LYS A 27 9.02 33.19 16.52
N ALA A 28 10.25 33.61 16.80
CA ALA A 28 10.86 34.73 16.07
C ALA A 28 10.86 34.52 14.55
N GLY A 29 10.34 35.50 13.82
CA GLY A 29 10.28 35.48 12.38
C GLY A 29 9.03 34.80 11.83
N TYR A 30 8.15 34.36 12.72
CA TYR A 30 6.94 33.62 12.37
C TYR A 30 5.71 34.18 13.09
N LYS A 31 4.54 33.82 12.55
CA LYS A 31 3.26 34.12 13.16
C LYS A 31 2.55 32.81 13.48
N LEU A 32 1.99 32.71 14.67
CA LEU A 32 1.27 31.49 15.04
C LEU A 32 -0.04 31.40 14.25
N ASP A 33 -0.24 30.29 13.53
CA ASP A 33 -1.40 30.10 12.65
C ASP A 33 -2.44 29.15 13.24
N PHE A 34 -1.97 28.21 14.06
CA PHE A 34 -2.81 27.17 14.70
C PHE A 34 -2.16 26.73 15.98
N SER A 35 -2.97 26.52 17.02
CA SER A 35 -2.46 25.83 18.18
C SER A 35 -3.56 25.10 18.93
N ASP A 36 -3.18 23.97 19.53
CA ASP A 36 -3.99 23.35 20.54
C ASP A 36 -3.04 22.99 21.68
N GLU A 37 -3.28 23.61 22.84
CA GLU A 37 -2.47 23.35 24.04
C GLU A 37 -2.97 22.14 24.83
N PHE A 38 -4.03 21.49 24.33
CA PHE A 38 -4.52 20.21 24.85
C PHE A 38 -4.67 20.16 26.37
N ASN A 39 -5.21 21.20 26.97
CA ASN A 39 -5.34 21.17 28.43
C ASN A 39 -6.59 20.42 28.94
N GLY A 40 -7.56 20.24 28.04
CA GLY A 40 -8.79 19.54 28.38
C GLY A 40 -9.68 20.35 29.29
N PRO A 41 -10.73 19.73 29.85
CA PRO A 41 -10.96 18.29 29.78
C PRO A 41 -11.76 17.81 28.56
N THR A 42 -12.09 18.71 27.64
CA THR A 42 -12.78 18.27 26.42
C THR A 42 -12.02 18.64 25.16
N LEU A 43 -12.18 17.80 24.14
CA LEU A 43 -11.58 18.02 22.85
C LEU A 43 -12.25 19.22 22.19
N ASP A 44 -11.47 20.12 21.61
CA ASP A 44 -12.00 21.31 20.95
C ASP A 44 -12.58 20.90 19.60
N ARG A 45 -13.91 20.87 19.52
CA ARG A 45 -14.56 20.35 18.32
C ARG A 45 -14.60 21.34 17.16
N GLU A 46 -14.08 22.54 17.39
CA GLU A 46 -13.85 23.48 16.29
C GLU A 46 -12.54 23.15 15.57
N LYS A 47 -11.70 22.31 16.19
CA LYS A 47 -10.39 21.96 15.61
C LYS A 47 -10.28 20.49 15.19
N TRP A 48 -10.93 19.61 15.94
CA TRP A 48 -10.77 18.15 15.80
C TRP A 48 -12.09 17.40 15.75
N THR A 49 -12.08 16.30 15.01
CA THR A 49 -13.06 15.24 15.20
C THR A 49 -12.40 14.02 15.85
N ASP A 50 -13.16 13.27 16.65
CA ASP A 50 -12.60 12.12 17.35
C ASP A 50 -13.02 10.78 16.71
N TYR A 51 -13.04 10.78 15.38
CA TYR A 51 -13.26 9.56 14.62
C TYR A 51 -12.12 9.38 13.62
N TYR A 52 -11.75 8.13 13.40
CA TYR A 52 -10.66 7.79 12.49
C TYR A 52 -11.26 7.51 11.10
N LEU A 53 -10.93 8.35 10.10
CA LEU A 53 -11.39 8.13 8.70
C LEU A 53 -12.79 7.47 8.57
N PRO A 54 -13.80 8.09 9.20
CA PRO A 54 -15.11 7.43 9.34
C PRO A 54 -15.85 7.17 8.02
N HIS A 55 -15.47 7.85 6.95
CA HIS A 55 -16.07 7.60 5.62
C HIS A 55 -15.80 6.19 5.06
N TRP A 56 -14.80 5.48 5.59
CA TRP A 56 -14.53 4.12 5.11
C TRP A 56 -15.42 3.06 5.74
N CYS A 57 -16.13 3.40 6.81
CA CYS A 57 -16.77 2.39 7.65
C CYS A 57 -18.29 2.48 7.55
N LYS A 58 -18.95 1.36 7.27
CA LYS A 58 -20.41 1.37 7.08
C LYS A 58 -21.07 2.00 8.32
N ASP A 59 -20.73 1.48 9.48
CA ASP A 59 -21.04 2.15 10.75
C ASP A 59 -19.82 2.85 11.35
N PRO A 60 -19.81 4.17 11.26
CA PRO A 60 -18.69 4.98 11.73
C PRO A 60 -18.50 5.04 13.24
N GLU A 61 -19.48 4.58 14.03
CA GLU A 61 -19.28 4.59 15.48
C GLU A 61 -18.13 3.68 15.94
N SER A 62 -17.84 2.63 15.16
CA SER A 62 -16.69 1.75 15.44
C SER A 62 -15.35 2.52 15.44
N ALA A 63 -15.32 3.63 14.70
CA ALA A 63 -14.10 4.38 14.44
C ALA A 63 -13.85 5.47 15.49
N LYS A 64 -14.71 5.55 16.49
CA LYS A 64 -14.54 6.56 17.56
C LYS A 64 -13.31 6.30 18.44
N ALA A 65 -12.61 7.38 18.80
CA ALA A 65 -11.40 7.32 19.62
C ALA A 65 -11.74 7.23 21.09
N ASN A 66 -10.85 6.60 21.84
CA ASN A 66 -10.83 6.76 23.29
C ASN A 66 -9.67 7.64 23.67
N TYR A 67 -9.90 8.54 24.62
CA TYR A 67 -8.87 9.50 25.04
C TYR A 67 -9.31 10.17 26.35
N ARG A 68 -8.34 10.78 27.02
CA ARG A 68 -8.58 11.64 28.18
C ARG A 68 -7.54 12.76 28.12
N PHE A 69 -7.67 13.73 29.02
CA PHE A 69 -6.66 14.76 29.18
C PHE A 69 -6.05 14.58 30.55
N GLU A 70 -4.72 14.57 30.63
CA GLU A 70 -4.01 14.31 31.89
C GLU A 70 -2.76 15.18 31.94
N ASN A 71 -2.63 15.97 33.00
CA ASN A 71 -1.41 16.76 33.24
C ASN A 71 -1.06 17.66 32.05
N GLY A 72 -2.06 18.37 31.53
CA GLY A 72 -1.89 19.26 30.40
C GLY A 72 -1.68 18.61 29.03
N SER A 73 -1.95 17.32 28.90
CA SER A 73 -1.73 16.60 27.63
C SER A 73 -2.97 15.89 27.15
N LEU A 74 -3.13 15.78 25.83
CA LEU A 74 -4.06 14.79 25.30
C LEU A 74 -3.43 13.40 25.43
N VAL A 75 -4.17 12.49 26.06
CA VAL A 75 -3.76 11.09 26.19
C VAL A 75 -4.75 10.21 25.41
N GLU A 76 -4.38 9.91 24.16
CA GLU A 76 -5.13 8.93 23.35
C GLU A 76 -4.78 7.54 23.85
N TYR A 77 -5.77 6.66 23.98
CA TYR A 77 -5.50 5.32 24.47
C TYR A 77 -6.38 4.27 23.81
N ILE A 78 -5.87 3.06 23.79
CA ILE A 78 -6.62 1.89 23.35
C ILE A 78 -6.77 0.96 24.56
N THR A 79 -8.01 0.60 24.88
CA THR A 79 -8.22 -0.36 25.96
C THR A 79 -8.11 -1.80 25.48
N GLU A 80 -7.91 -2.70 26.44
CA GLU A 80 -7.77 -4.13 26.15
C GLU A 80 -9.02 -4.68 25.46
N ASP A 81 -10.19 -4.13 25.78
CA ASP A 81 -11.46 -4.58 25.19
C ASP A 81 -11.96 -3.69 24.03
N GLN A 82 -11.12 -2.78 23.57
CA GLN A 82 -11.50 -1.92 22.45
C GLN A 82 -11.73 -2.75 21.18
N LYS A 83 -12.74 -2.39 20.39
CA LYS A 83 -13.01 -3.14 19.14
C LYS A 83 -12.24 -2.57 17.96
N PRO A 84 -12.04 -3.36 16.90
CA PRO A 84 -11.37 -2.82 15.69
C PRO A 84 -12.08 -1.57 15.16
N TRP A 85 -11.33 -0.62 14.60
CA TRP A 85 -11.92 0.66 14.19
C TRP A 85 -12.81 0.54 12.94
N CYS A 86 -12.49 -0.42 12.06
CA CYS A 86 -13.20 -0.54 10.78
C CYS A 86 -12.97 -1.95 10.20
N PRO A 87 -13.58 -2.99 10.80
CA PRO A 87 -13.20 -4.39 10.49
C PRO A 87 -13.37 -4.77 9.01
N GLU A 88 -14.29 -4.12 8.31
CA GLU A 88 -14.55 -4.51 6.92
C GLU A 88 -13.46 -4.05 5.94
N HIS A 89 -12.69 -3.03 6.31
CA HIS A 89 -11.55 -2.53 5.52
C HIS A 89 -10.20 -2.80 6.11
N ASP A 90 -10.10 -2.74 7.44
CA ASP A 90 -8.77 -2.80 8.04
C ASP A 90 -8.57 -4.00 8.96
N GLY A 91 -9.45 -5.00 8.86
CA GLY A 91 -9.34 -6.21 9.66
C GLY A 91 -9.42 -5.86 11.15
N THR A 92 -8.60 -6.50 11.96
CA THR A 92 -8.74 -6.32 13.41
C THR A 92 -7.78 -5.26 13.98
N VAL A 93 -7.34 -4.34 13.15
CA VAL A 93 -6.51 -3.22 13.63
C VAL A 93 -7.33 -2.35 14.61
N ARG A 94 -6.72 -1.98 15.72
CA ARG A 94 -7.38 -1.06 16.65
C ARG A 94 -6.64 0.26 16.62
N SER A 95 -7.38 1.36 16.71
CA SER A 95 -6.75 2.69 16.72
C SER A 95 -7.66 3.68 17.42
N SER A 96 -7.05 4.60 18.16
CA SER A 96 -7.76 5.76 18.69
C SER A 96 -7.18 6.99 18.02
N ALA A 97 -8.01 7.71 17.28
CA ALA A 97 -7.54 8.84 16.45
C ALA A 97 -8.34 10.13 16.61
N ILE A 98 -7.65 11.27 16.47
CA ILE A 98 -8.35 12.52 16.18
C ILE A 98 -7.87 13.04 14.84
N MET A 99 -8.73 13.79 14.14
CA MET A 99 -8.34 14.35 12.85
C MET A 99 -8.77 15.79 12.75
N SER A 100 -8.00 16.62 12.04
CA SER A 100 -8.33 18.04 11.86
C SER A 100 -9.27 18.32 10.67
N PHE A 101 -9.98 17.29 10.21
CA PHE A 101 -10.89 17.39 9.05
C PHE A 101 -11.84 16.19 9.07
N ASP A 102 -12.86 16.26 8.21
CA ASP A 102 -13.77 15.14 8.00
C ASP A 102 -14.23 15.33 6.57
N LYS A 103 -13.86 14.42 5.68
CA LYS A 103 -14.06 14.65 4.26
C LYS A 103 -14.13 13.32 3.51
N SER A 104 -15.06 13.21 2.57
CA SER A 104 -15.22 11.99 1.76
C SER A 104 -13.93 11.62 1.04
N TRP A 105 -13.70 10.31 0.88
CA TRP A 105 -12.66 9.74 0.01
C TRP A 105 -11.21 9.91 0.50
N ILE A 106 -11.00 10.57 1.64
CA ILE A 106 -9.62 10.88 2.06
C ILE A 106 -8.80 9.62 2.44
N HIS A 107 -7.61 9.50 1.85
CA HIS A 107 -6.63 8.48 2.25
C HIS A 107 -7.18 7.05 2.10
N ASN A 108 -7.36 6.68 0.84
CA ASN A 108 -7.88 5.36 0.46
C ASN A 108 -6.80 4.29 0.47
N PHE A 109 -6.32 3.96 1.66
CA PHE A 109 -5.19 3.03 1.82
C PHE A 109 -5.56 1.64 1.29
N SER A 110 -6.85 1.31 1.30
CA SER A 110 -7.30 -0.01 0.85
C SER A 110 -7.72 -0.06 -0.61
N GLY A 111 -7.79 1.10 -1.27
CA GLY A 111 -8.27 1.20 -2.64
C GLY A 111 -9.70 0.72 -2.84
N THR A 112 -10.54 0.88 -1.82
CA THR A 112 -11.95 0.52 -1.93
C THR A 112 -12.79 1.52 -2.77
N THR A 113 -13.89 1.03 -3.35
CA THR A 113 -14.83 1.96 -4.00
C THR A 113 -15.98 2.31 -3.05
N ASP A 114 -15.93 1.73 -1.85
CA ASP A 114 -16.99 1.89 -0.86
C ASP A 114 -16.78 3.11 0.08
N ASN A 115 -16.95 4.32 -0.46
CA ASN A 115 -16.96 5.52 0.37
C ASN A 115 -18.34 5.80 0.94
N HIS A 116 -18.40 6.28 2.18
CA HIS A 116 -19.64 6.77 2.79
C HIS A 116 -19.62 8.28 2.92
N GLU A 117 -20.57 8.94 2.25
CA GLU A 117 -20.55 10.40 2.09
C GLU A 117 -20.52 11.17 3.41
N ARG A 118 -19.65 12.18 3.46
CA ARG A 118 -19.52 13.04 4.65
C ARG A 118 -19.77 14.47 4.25
N ASN A 119 -20.31 15.25 5.19
CA ASN A 119 -20.43 16.69 4.99
C ASN A 119 -19.06 17.30 5.28
N GLU A 120 -18.42 17.85 4.26
CA GLU A 120 -17.04 18.32 4.40
C GLU A 120 -16.89 19.29 5.57
N TRP A 121 -15.91 18.99 6.42
CA TRP A 121 -15.56 19.87 7.54
C TRP A 121 -14.04 19.97 7.68
N ARG A 122 -13.54 21.17 7.94
CA ARG A 122 -12.10 21.40 8.01
C ARG A 122 -11.79 22.18 9.29
N GLY A 123 -11.28 21.46 10.28
CA GLY A 123 -10.82 22.05 11.54
C GLY A 123 -9.55 22.85 11.31
N TYR A 124 -8.56 22.21 10.69
CA TYR A 124 -7.34 22.89 10.26
C TYR A 124 -6.70 22.18 9.08
N THR A 125 -6.71 22.85 7.93
CA THR A 125 -6.02 22.36 6.75
C THR A 125 -5.16 23.51 6.24
N THR A 126 -3.93 23.22 5.82
CA THR A 126 -3.04 24.28 5.35
C THR A 126 -1.97 23.76 4.40
N LYS A 127 -1.32 24.67 3.66
CA LYS A 127 -0.18 24.32 2.83
C LYS A 127 1.04 25.12 3.30
N TYR A 128 2.12 24.39 3.64
CA TYR A 128 3.40 24.92 4.13
C TYR A 128 3.36 25.42 5.58
N GLY A 129 4.53 25.43 6.21
CA GLY A 129 4.65 26.02 7.54
C GLY A 129 5.61 25.24 8.43
N TYR A 130 5.71 25.69 9.68
CA TYR A 130 6.53 25.02 10.70
C TYR A 130 5.57 24.35 11.69
N PHE A 131 5.57 23.02 11.71
CA PHE A 131 4.61 22.23 12.47
C PHE A 131 5.31 21.58 13.65
N GLU A 132 4.72 21.60 14.85
CA GLU A 132 5.45 21.11 16.00
C GLU A 132 4.52 20.45 17.01
N ILE A 133 4.95 19.32 17.57
CA ILE A 133 4.31 18.79 18.77
C ILE A 133 5.35 18.56 19.85
N ARG A 134 4.88 18.50 21.10
CA ARG A 134 5.72 18.08 22.19
C ARG A 134 5.00 16.86 22.77
N ALA A 135 5.70 15.73 22.85
CA ALA A 135 5.01 14.48 23.13
C ALA A 135 5.89 13.52 23.91
N LYS A 136 5.26 12.64 24.69
CA LYS A 136 5.91 11.54 25.38
C LYS A 136 5.27 10.25 24.84
N LEU A 137 6.10 9.36 24.31
CA LEU A 137 5.60 8.20 23.56
C LEU A 137 5.22 7.04 24.48
N SER A 138 4.47 6.08 23.94
CA SER A 138 4.05 4.93 24.72
C SER A 138 5.22 4.20 25.38
N ASN A 139 5.05 3.83 26.66
CA ASN A 139 6.05 2.99 27.34
C ASN A 139 5.63 1.52 27.48
N THR A 140 4.59 1.11 26.75
CA THR A 140 4.05 -0.26 26.90
C THR A 140 4.98 -1.33 26.35
N GLY A 141 5.78 -0.95 25.36
CA GLY A 141 6.48 -1.92 24.52
C GLY A 141 5.53 -2.80 23.72
N GLY A 142 6.05 -3.89 23.17
CA GLY A 142 5.26 -4.84 22.36
C GLY A 142 4.82 -4.25 21.02
N GLY A 143 3.86 -4.90 20.36
CA GLY A 143 3.41 -4.46 19.04
C GLY A 143 2.52 -3.23 19.09
N GLY A 144 2.66 -2.35 18.09
CA GLY A 144 1.89 -1.12 18.06
C GLY A 144 2.79 0.08 17.75
N HIS A 145 2.15 1.21 17.49
CA HIS A 145 2.88 2.46 17.24
C HIS A 145 1.96 3.64 17.48
N GLN A 146 2.55 4.84 17.57
CA GLN A 146 1.76 6.06 17.57
C GLN A 146 2.11 6.82 16.31
N ALA A 147 1.28 7.77 15.91
CA ALA A 147 1.53 8.49 14.66
C ALA A 147 1.01 9.92 14.67
N TRP A 148 1.84 10.81 14.14
CA TRP A 148 1.45 12.17 13.82
C TRP A 148 1.69 12.27 12.33
N TRP A 149 0.63 12.45 11.56
CA TRP A 149 0.79 12.41 10.11
C TRP A 149 -0.19 13.36 9.40
N MET A 150 0.10 13.63 8.13
CA MET A 150 -0.69 14.57 7.35
C MET A 150 -1.00 13.93 6.01
N VAL A 151 -2.18 14.23 5.49
CA VAL A 151 -2.62 13.69 4.22
C VAL A 151 -3.19 14.82 3.36
N GLY A 152 -3.01 14.72 2.05
CA GLY A 152 -3.60 15.67 1.13
C GLY A 152 -5.10 15.68 1.26
N MET A 153 -5.69 16.86 1.07
CA MET A 153 -7.14 17.00 1.21
C MET A 153 -7.89 16.71 -0.07
N GLN A 154 -7.16 16.33 -1.14
CA GLN A 154 -7.80 15.85 -2.37
C GLN A 154 -8.78 16.91 -2.90
N ASP A 155 -8.37 18.16 -2.82
CA ASP A 155 -9.26 19.29 -3.17
C ASP A 155 -9.47 19.45 -4.67
N ASP A 156 -8.59 18.84 -5.48
CA ASP A 156 -8.72 18.91 -6.93
C ASP A 156 -10.02 18.28 -7.45
N THR A 157 -10.28 17.03 -7.06
CA THR A 157 -11.48 16.31 -7.53
C THR A 157 -12.49 15.98 -6.45
N ASN A 158 -12.07 16.07 -5.19
CA ASN A 158 -12.89 15.63 -4.05
C ASN A 158 -13.28 14.16 -4.14
N ASP A 159 -12.48 13.39 -4.86
CA ASP A 159 -12.59 11.93 -4.78
C ASP A 159 -11.21 11.36 -4.57
N TRP A 160 -11.05 10.02 -4.62
CA TRP A 160 -9.72 9.40 -4.53
C TRP A 160 -9.15 9.06 -5.89
N PHE A 161 -9.90 8.31 -6.69
CA PHE A 161 -9.32 7.71 -7.89
C PHE A 161 -8.87 8.70 -8.96
N ASN A 162 -9.48 9.88 -8.98
CA ASN A 162 -9.06 10.91 -9.93
C ASN A 162 -8.20 12.02 -9.32
N SER A 163 -8.02 11.98 -8.00
CA SER A 163 -7.20 12.96 -7.31
C SER A 163 -5.70 12.68 -7.50
N LYS A 164 -4.93 13.76 -7.62
CA LYS A 164 -3.48 13.69 -7.55
C LYS A 164 -2.99 14.40 -6.26
N GLN A 165 -3.89 14.75 -5.35
CA GLN A 165 -3.52 15.52 -4.16
C GLN A 165 -3.68 14.66 -2.91
N THR A 166 -2.91 13.57 -2.90
CA THR A 166 -3.10 12.46 -1.96
C THR A 166 -1.84 12.18 -1.17
N GLY A 167 -0.88 13.12 -1.14
CA GLY A 167 0.36 12.91 -0.41
C GLY A 167 0.18 12.54 1.05
N GLU A 168 1.06 11.66 1.55
CA GLU A 168 1.08 11.29 2.99
C GLU A 168 2.45 11.63 3.55
N ILE A 169 2.50 12.35 4.66
CA ILE A 169 3.75 12.56 5.40
C ILE A 169 3.56 12.01 6.80
N ASP A 170 4.31 10.96 7.14
CA ASP A 170 4.25 10.43 8.50
C ASP A 170 5.35 11.13 9.29
N ILE A 171 5.00 12.23 9.96
CA ILE A 171 6.01 13.04 10.66
C ILE A 171 6.58 12.25 11.83
N LEU A 172 5.73 11.46 12.46
CA LEU A 172 6.17 10.53 13.48
C LEU A 172 5.33 9.26 13.34
N GLU A 173 6.00 8.11 13.36
CA GLU A 173 5.33 6.83 13.23
C GLU A 173 6.00 5.79 14.13
N THR A 174 6.67 6.29 15.18
CA THR A 174 7.55 5.48 16.02
C THR A 174 6.86 4.25 16.65
N PHE A 175 7.50 3.09 16.50
CA PHE A 175 6.97 1.81 17.06
C PHE A 175 7.21 1.73 18.55
N PHE A 176 6.25 1.15 19.29
CA PHE A 176 6.42 0.91 20.74
C PHE A 176 7.67 0.06 21.05
N SER A 177 8.02 -0.85 20.12
CA SER A 177 9.11 -1.81 20.35
C SER A 177 10.53 -1.27 20.06
N LYS A 178 10.61 -0.05 19.56
CA LYS A 178 11.87 0.52 19.09
C LYS A 178 12.12 1.84 19.84
N LYS A 179 12.43 1.71 21.13
CA LYS A 179 12.27 2.82 22.08
C LYS A 179 13.28 3.96 21.91
N ASP A 180 14.32 3.72 21.13
CA ASP A 180 15.32 4.79 20.91
C ASP A 180 15.22 5.46 19.54
N THR A 181 14.14 5.18 18.79
CA THR A 181 14.03 5.69 17.41
C THR A 181 13.02 6.81 17.24
N TRP A 182 13.10 7.47 16.08
CA TRP A 182 12.05 8.34 15.58
C TRP A 182 11.85 7.91 14.12
N ARG A 183 10.72 7.26 13.87
CA ARG A 183 10.34 6.79 12.54
C ARG A 183 9.65 7.91 11.78
N ILE A 184 10.14 8.17 10.56
CA ILE A 184 9.62 9.22 9.68
C ILE A 184 9.43 8.56 8.31
N ALA A 185 8.30 8.86 7.64
CA ALA A 185 8.05 8.26 6.31
C ALA A 185 7.22 9.20 5.43
N ALA A 186 7.23 8.95 4.12
CA ALA A 186 6.42 9.76 3.21
C ALA A 186 6.16 8.99 1.92
N TYR A 187 5.04 9.30 1.27
CA TYR A 187 4.65 8.64 0.02
C TYR A 187 3.58 9.50 -0.64
N GLY A 188 3.62 9.61 -1.96
CA GLY A 188 2.65 10.44 -2.67
C GLY A 188 1.33 9.78 -3.03
N TRP A 189 1.23 8.47 -2.90
CA TRP A 189 0.03 7.74 -3.34
C TRP A 189 -0.26 8.05 -4.81
N ASN A 190 -1.36 8.73 -5.12
CA ASN A 190 -1.71 9.06 -6.52
C ASN A 190 -0.98 10.28 -7.09
N ASP A 191 -0.15 10.94 -6.28
CA ASP A 191 0.54 12.16 -6.69
C ASP A 191 1.81 11.87 -7.50
N PRO A 192 1.86 12.18 -8.79
CA PRO A 192 3.07 11.89 -9.59
C PRO A 192 4.23 12.83 -9.27
N ASN A 193 3.93 13.91 -8.53
CA ASN A 193 4.92 14.96 -8.29
C ASN A 193 5.55 14.97 -6.89
N PHE A 194 5.18 14.00 -6.07
CA PHE A 194 5.72 13.89 -4.71
C PHE A 194 6.01 12.47 -4.28
N GLN A 195 7.27 12.22 -3.92
CA GLN A 195 7.67 10.98 -3.25
C GLN A 195 6.98 9.75 -3.84
N THR A 196 7.26 9.47 -5.11
CA THR A 196 6.50 8.41 -5.81
C THR A 196 6.87 6.99 -5.42
N SER A 197 7.90 6.81 -4.60
CA SER A 197 8.16 5.55 -3.89
C SER A 197 8.24 5.86 -2.39
N TRP A 198 7.83 4.92 -1.55
CA TRP A 198 7.91 5.11 -0.10
C TRP A 198 9.35 5.44 0.30
N THR A 199 9.52 6.39 1.22
CA THR A 199 10.81 6.54 1.93
C THR A 199 10.48 6.41 3.41
N ILE A 200 11.27 5.61 4.13
CA ILE A 200 11.01 5.30 5.55
C ILE A 200 12.37 5.19 6.26
N SER A 201 12.51 5.86 7.40
CA SER A 201 13.67 5.62 8.26
C SER A 201 13.24 5.57 9.71
N GLU A 202 14.05 4.93 10.55
CA GLU A 202 13.79 5.01 11.99
C GLU A 202 15.14 5.05 12.69
N ASP A 203 15.81 6.15 12.42
CA ASP A 203 17.12 6.39 13.01
C ASP A 203 16.99 6.57 14.53
N LYS A 204 18.06 6.27 15.25
CA LYS A 204 18.12 6.54 16.67
C LYS A 204 18.17 8.05 16.95
N VAL A 205 17.42 8.48 17.96
CA VAL A 205 17.47 9.87 18.40
C VAL A 205 18.85 10.17 19.02
N PRO A 206 19.33 11.40 18.86
CA PRO A 206 20.68 11.75 19.34
C PRO A 206 20.82 11.88 20.85
N SER A 207 19.69 12.05 21.55
CA SER A 207 19.69 12.23 23.01
C SER A 207 18.32 11.93 23.56
N GLY A 208 18.26 11.60 24.86
CA GLY A 208 17.00 11.41 25.53
C GLY A 208 16.38 10.03 25.36
N ASP A 209 15.26 9.85 26.06
CA ASP A 209 14.51 8.59 26.13
C ASP A 209 13.06 8.90 25.77
N PRO A 210 12.71 8.83 24.49
CA PRO A 210 11.37 9.25 24.04
C PRO A 210 10.16 8.61 24.76
N THR A 211 10.30 7.42 25.33
CA THR A 211 9.15 6.73 25.97
C THR A 211 8.98 7.03 27.46
N SER A 212 9.88 7.83 28.04
CA SER A 212 9.74 8.25 29.44
C SER A 212 9.80 9.76 29.64
N GLU A 213 10.00 10.49 28.55
CA GLU A 213 10.22 11.96 28.58
C GLU A 213 9.43 12.66 27.47
N TYR A 214 9.05 13.92 27.71
CA TYR A 214 8.54 14.75 26.63
C TYR A 214 9.71 15.23 25.78
N HIS A 215 9.55 15.10 24.45
CA HIS A 215 10.49 15.68 23.50
C HIS A 215 9.72 16.43 22.42
N ILE A 216 10.43 17.29 21.67
CA ILE A 216 9.79 18.12 20.67
C ILE A 216 10.10 17.54 19.29
N TYR A 217 9.06 17.35 18.50
CA TYR A 217 9.15 16.84 17.13
C TYR A 217 8.56 17.90 16.22
N ALA A 218 9.27 18.23 15.15
CA ALA A 218 8.79 19.28 14.25
C ALA A 218 9.15 19.00 12.81
N MET A 219 8.32 19.55 11.92
CA MET A 219 8.57 19.52 10.49
C MET A 219 8.38 20.92 9.91
N GLU A 220 9.37 21.40 9.18
CA GLU A 220 9.16 22.59 8.34
C GLU A 220 8.94 22.13 6.91
N TRP A 221 7.77 22.47 6.39
CA TRP A 221 7.33 22.06 5.06
C TRP A 221 7.33 23.33 4.21
N THR A 222 8.24 23.38 3.24
CA THR A 222 8.36 24.52 2.35
C THR A 222 8.08 24.04 0.92
N PRO A 223 8.02 24.94 -0.04
CA PRO A 223 7.90 24.55 -1.45
C PRO A 223 9.05 23.66 -1.94
N THR A 224 10.16 23.62 -1.21
CA THR A 224 11.36 22.90 -1.64
C THR A 224 11.58 21.55 -0.96
N ALA A 225 11.17 21.44 0.30
CA ALA A 225 11.60 20.31 1.13
C ALA A 225 10.76 20.13 2.39
N LEU A 226 10.93 18.96 3.01
CA LEU A 226 10.44 18.65 4.35
C LEU A 226 11.67 18.49 5.25
N LYS A 227 11.72 19.29 6.32
CA LYS A 227 12.86 19.25 7.23
C LYS A 227 12.34 18.91 8.61
N PHE A 228 12.92 17.88 9.22
CA PHE A 228 12.44 17.35 10.50
C PHE A 228 13.42 17.66 11.62
N TYR A 229 12.90 18.14 12.75
CA TYR A 229 13.73 18.62 13.88
C TYR A 229 13.36 17.89 15.16
N TYR A 230 14.38 17.44 15.89
CA TYR A 230 14.20 16.78 17.19
C TYR A 230 14.81 17.67 18.24
N ASP A 231 14.00 18.09 19.21
CA ASP A 231 14.44 19.04 20.22
C ASP A 231 15.19 20.21 19.59
N ASN A 232 14.60 20.73 18.52
CA ASN A 232 15.07 21.94 17.81
C ASN A 232 16.34 21.79 16.98
N GLU A 233 16.79 20.56 16.76
CA GLU A 233 17.99 20.29 15.95
C GLU A 233 17.65 19.42 14.72
N LEU A 234 18.18 19.81 13.56
CA LEU A 234 17.84 19.09 12.32
C LEU A 234 18.21 17.61 12.39
N PHE A 235 17.26 16.74 11.99
CA PHE A 235 17.37 15.29 12.18
C PHE A 235 17.24 14.54 10.84
N LYS A 236 16.42 15.08 9.93
CA LYS A 236 16.15 14.45 8.62
C LYS A 236 15.68 15.49 7.61
N VAL A 237 16.04 15.28 6.34
CA VAL A 237 15.58 16.12 5.26
C VAL A 237 15.07 15.26 4.12
N ILE A 238 13.89 15.63 3.59
CA ILE A 238 13.38 15.02 2.37
C ILE A 238 13.20 16.15 1.35
N TYR A 239 13.87 16.05 0.20
CA TYR A 239 13.76 17.10 -0.82
C TYR A 239 12.58 16.78 -1.72
N GLY A 240 11.73 17.78 -1.97
CA GLY A 240 10.43 17.60 -2.60
C GLY A 240 9.33 17.73 -1.55
N SER A 241 8.17 18.25 -1.94
CA SER A 241 7.10 18.46 -0.96
C SER A 241 5.78 18.60 -1.68
N PRO A 242 4.69 18.24 -1.00
CA PRO A 242 3.34 18.42 -1.56
C PRO A 242 3.03 19.88 -1.81
N ASP A 243 2.22 20.15 -2.83
CA ASP A 243 1.87 21.53 -3.16
C ASP A 243 0.37 21.83 -3.08
N TYR A 244 -0.25 21.34 -2.00
CA TYR A 244 -1.69 21.49 -1.76
C TYR A 244 -1.94 21.39 -0.27
N GLU A 245 -3.15 21.74 0.15
CA GLU A 245 -3.48 21.72 1.57
C GLU A 245 -3.53 20.29 2.08
N MET A 246 -3.12 20.10 3.34
CA MET A 246 -3.12 18.80 4.00
C MET A 246 -3.81 18.91 5.34
N GLY A 247 -4.43 17.81 5.76
CA GLY A 247 -5.07 17.70 7.06
C GLY A 247 -4.20 16.87 7.98
N THR A 248 -4.49 16.91 9.28
CA THR A 248 -3.65 16.29 10.30
C THR A 248 -4.39 15.17 11.02
N ILE A 249 -3.67 14.08 11.27
CA ILE A 249 -4.19 12.99 12.11
C ILE A 249 -3.21 12.73 13.23
N LEU A 250 -3.73 12.57 14.45
CA LEU A 250 -2.92 12.16 15.59
C LEU A 250 -3.58 10.90 16.15
N ASN A 251 -2.83 9.79 16.18
CA ASN A 251 -3.44 8.52 16.57
C ASN A 251 -2.45 7.51 17.12
N ILE A 252 -3.00 6.40 17.62
CA ILE A 252 -2.22 5.33 18.19
C ILE A 252 -2.84 4.01 17.74
N TYR A 253 -2.02 2.98 17.56
CA TYR A 253 -2.47 1.74 16.97
C TYR A 253 -1.94 0.56 17.77
N THR A 254 -2.68 -0.55 17.71
CA THR A 254 -2.07 -1.86 17.95
C THR A 254 -2.75 -2.93 17.09
N ASP A 255 -2.14 -4.11 17.00
CA ASP A 255 -2.64 -5.20 16.14
C ASP A 255 -2.63 -4.83 14.65
N ALA A 256 -1.70 -3.96 14.30
CA ALA A 256 -1.50 -3.47 12.94
C ALA A 256 -0.17 -3.97 12.39
N GLY A 257 0.35 -3.32 11.35
CA GLY A 257 1.60 -3.77 10.76
C GLY A 257 2.80 -3.61 11.69
N SER A 258 2.64 -2.78 12.73
CA SER A 258 3.67 -2.60 13.74
C SER A 258 3.63 -3.66 14.83
N GLY A 259 2.81 -4.71 14.66
CA GLY A 259 2.88 -5.86 15.55
C GLY A 259 1.68 -6.09 16.46
N ALA A 260 1.51 -7.34 16.90
CA ALA A 260 0.41 -7.71 17.79
C ALA A 260 0.68 -7.16 19.18
N HIS A 261 -0.39 -6.77 19.88
CA HIS A 261 -0.28 -6.21 21.24
C HIS A 261 0.46 -7.15 22.20
N ASN A 262 1.27 -6.58 23.10
CA ASN A 262 1.67 -7.33 24.29
C ASN A 262 0.59 -7.16 25.36
N ASP A 263 0.87 -7.57 26.60
CA ASP A 263 -0.19 -7.60 27.60
C ASP A 263 -0.22 -6.39 28.54
N VAL A 264 0.45 -5.30 28.13
CA VAL A 264 0.44 -4.05 28.89
C VAL A 264 -0.59 -3.08 28.36
N TRP A 265 -1.55 -2.73 29.22
CA TRP A 265 -2.67 -1.87 28.81
C TRP A 265 -2.87 -0.70 29.77
N PRO A 266 -3.48 0.40 29.30
CA PRO A 266 -3.84 0.64 27.89
C PRO A 266 -2.62 0.98 27.04
N LYS A 267 -2.78 0.94 25.72
CA LYS A 267 -1.76 1.54 24.84
C LYS A 267 -2.04 3.03 24.82
N GLU A 268 -1.09 3.83 25.26
CA GLU A 268 -1.34 5.26 25.35
C GLU A 268 -0.10 6.08 25.17
N TRP A 269 -0.29 7.29 24.64
CA TRP A 269 0.76 8.32 24.61
C TRP A 269 0.20 9.66 24.96
N ALA A 270 1.08 10.65 25.12
CA ALA A 270 0.67 11.94 25.64
C ALA A 270 1.19 13.07 24.75
N ILE A 271 0.29 13.95 24.33
CA ILE A 271 0.70 15.10 23.51
C ILE A 271 0.41 16.40 24.27
N ASP A 272 1.47 17.15 24.57
CA ASP A 272 1.36 18.39 25.35
C ASP A 272 0.73 19.51 24.54
N TYR A 273 1.14 19.66 23.29
CA TYR A 273 0.60 20.69 22.41
C TYR A 273 0.91 20.37 20.96
N MET A 274 0.14 21.00 20.07
CA MET A 274 0.46 21.08 18.65
C MET A 274 0.39 22.55 18.24
N ARG A 275 1.41 23.03 17.53
CA ARG A 275 1.46 24.41 17.07
C ARG A 275 1.91 24.44 15.62
N VAL A 276 1.35 25.36 14.86
CA VAL A 276 1.81 25.59 13.50
C VAL A 276 2.05 27.08 13.29
N TRP A 277 3.24 27.41 12.80
CA TRP A 277 3.60 28.80 12.53
C TRP A 277 3.82 29.01 11.03
N LYS A 278 3.62 30.26 10.58
CA LYS A 278 3.87 30.63 9.19
C LYS A 278 4.94 31.71 9.19
N PRO A 279 5.87 31.67 8.24
CA PRO A 279 6.94 32.67 8.18
C PRO A 279 6.36 34.05 7.88
N VAL A 280 6.82 35.08 8.57
CA VAL A 280 6.27 36.42 8.30
C VAL A 280 6.49 36.85 6.85
N ASP A 281 7.63 36.45 6.26
CA ASP A 281 7.97 36.88 4.91
C ASP A 281 7.68 35.84 3.82
N GLY A 282 6.99 34.77 4.21
CA GLY A 282 6.72 33.69 3.28
C GLY A 282 7.95 32.84 2.99
N TYR A 283 7.76 31.80 2.20
CA TYR A 283 8.85 30.94 1.78
C TYR A 283 9.22 31.24 0.35
N LYS A 284 10.48 30.96 0.00
CA LYS A 284 10.95 31.01 -1.39
C LYS A 284 10.26 29.92 -2.19
N GLU A 285 9.84 30.22 -3.42
CA GLU A 285 9.23 29.20 -4.27
C GLU A 285 10.28 28.22 -4.80
N SER A 286 11.54 28.67 -4.84
CA SER A 286 12.65 27.81 -5.25
C SER A 286 13.95 28.21 -4.53
N LEU A 289 18.42 29.47 -6.73
CA LEU A 289 19.36 30.57 -6.98
C LEU A 289 20.38 30.74 -5.83
N ASN A 290 20.17 29.99 -4.74
CA ASN A 290 21.07 30.03 -3.57
C ASN A 290 22.50 29.62 -3.92
N ASN A 291 23.47 30.30 -3.31
CA ASN A 291 24.86 29.91 -3.42
C ASN A 291 25.36 29.58 -2.01
N TYR A 292 26.36 28.71 -1.93
CA TYR A 292 26.86 28.25 -0.62
C TYR A 292 28.38 28.19 -0.58
N LEU A 293 28.94 28.55 0.58
CA LEU A 293 30.31 28.13 0.92
C LEU A 293 30.15 26.78 1.62
N ILE A 294 31.18 25.95 1.58
CA ILE A 294 31.14 24.64 2.25
C ILE A 294 32.38 24.49 3.12
N ARG A 295 32.15 24.41 4.43
CA ARG A 295 33.25 24.43 5.40
C ARG A 295 33.34 23.09 6.15
N ASN A 296 34.57 22.61 6.31
CA ASN A 296 34.84 21.40 7.09
C ASN A 296 34.76 21.63 8.59
N ARG A 297 34.10 20.73 9.31
CA ARG A 297 33.98 20.91 10.76
C ARG A 297 35.32 20.82 11.51
N GLN A 298 36.12 19.84 11.15
CA GLN A 298 37.38 19.59 11.85
C GLN A 298 38.42 20.66 11.54
N THR A 299 38.59 21.00 10.27
CA THR A 299 39.70 21.88 9.87
C THR A 299 39.31 23.34 9.75
N GLY A 300 38.01 23.62 9.66
CA GLY A 300 37.52 24.98 9.44
C GLY A 300 37.81 25.52 8.03
N LYS A 301 38.29 24.68 7.11
CA LYS A 301 38.64 25.13 5.76
C LYS A 301 37.46 24.99 4.79
N PHE A 302 37.54 25.73 3.68
CA PHE A 302 36.46 25.81 2.70
C PHE A 302 36.83 25.08 1.40
N LEU A 303 35.81 24.48 0.76
CA LEU A 303 36.01 23.82 -0.54
C LEU A 303 36.07 24.80 -1.70
N TYR A 304 37.03 24.59 -2.58
CA TYR A 304 37.12 25.35 -3.82
C TYR A 304 37.80 24.55 -4.93
N ILE A 305 37.61 24.99 -6.17
CA ILE A 305 38.28 24.36 -7.30
C ILE A 305 39.31 25.32 -7.86
N GLU A 306 40.55 24.86 -7.90
CA GLU A 306 41.69 25.59 -8.43
C GLU A 306 41.84 25.27 -9.93
N GLU A 307 42.27 26.26 -10.71
CA GLU A 307 42.50 26.06 -12.14
C GLU A 307 43.60 25.03 -12.34
N ASN A 308 43.44 24.19 -13.36
CA ASN A 308 44.38 23.12 -13.70
C ASN A 308 44.70 22.15 -12.56
N ASN A 309 43.67 21.83 -11.77
CA ASN A 309 43.77 20.89 -10.68
C ASN A 309 42.60 19.92 -10.79
N ASP A 310 42.88 18.64 -11.01
CA ASP A 310 41.81 17.65 -11.14
C ASP A 310 41.22 17.19 -9.81
N LYS A 311 41.76 17.69 -8.70
CA LYS A 311 41.17 17.43 -7.38
C LYS A 311 40.33 18.64 -6.94
N VAL A 312 39.52 18.45 -5.89
CA VAL A 312 38.84 19.59 -5.25
C VAL A 312 39.69 19.99 -4.04
N SER A 313 40.04 21.28 -3.96
CA SER A 313 40.90 21.78 -2.90
C SER A 313 40.11 22.21 -1.66
N TYR A 314 40.79 22.31 -0.53
CA TYR A 314 40.23 23.06 0.59
C TYR A 314 41.31 23.98 1.14
N GLY A 315 40.89 25.10 1.72
CA GLY A 315 41.83 26.02 2.35
C GLY A 315 41.11 27.22 2.93
N ASP A 316 41.89 28.18 3.44
CA ASP A 316 41.29 29.42 3.96
C ASP A 316 40.62 30.17 2.83
N ILE A 317 39.55 30.88 3.16
CA ILE A 317 38.97 31.83 2.20
C ILE A 317 39.97 32.97 1.93
N THR A 318 40.20 33.24 0.64
CA THR A 318 41.01 34.39 0.22
C THR A 318 40.26 35.13 -0.88
N LEU A 319 40.66 36.36 -1.17
CA LEU A 319 40.09 37.06 -2.30
C LEU A 319 40.37 36.32 -3.61
N LYS A 320 41.51 35.64 -3.67
CA LYS A 320 41.92 34.91 -4.87
C LYS A 320 41.00 33.72 -5.18
N ASN A 321 40.57 33.00 -4.15
CA ASN A 321 39.76 31.79 -4.36
C ASN A 321 38.25 31.96 -4.14
N GLU A 322 37.83 33.17 -3.73
CA GLU A 322 36.46 33.37 -3.28
C GLU A 322 35.41 32.96 -4.32
N LYS A 323 35.64 33.36 -5.57
CA LYS A 323 34.71 33.04 -6.65
C LYS A 323 34.61 31.51 -6.87
N ASN A 324 35.73 30.84 -6.75
CA ASN A 324 35.85 29.40 -6.94
C ASN A 324 35.37 28.57 -5.75
N ALA A 325 35.02 29.24 -4.65
CA ALA A 325 34.58 28.61 -3.40
C ALA A 325 33.06 28.62 -3.24
N LYS A 326 32.36 29.04 -4.28
CA LYS A 326 30.90 29.15 -4.23
C LYS A 326 30.24 27.99 -4.97
N TRP A 327 29.22 27.41 -4.34
CA TRP A 327 28.57 26.17 -4.80
C TRP A 327 27.05 26.30 -4.89
N SER A 328 26.44 25.51 -5.79
CA SER A 328 24.99 25.45 -5.95
C SER A 328 24.56 24.03 -5.68
N LYS A 329 23.31 23.86 -5.28
CA LYS A 329 22.71 22.53 -5.18
C LYS A 329 21.64 22.32 -6.24
N GLU A 330 21.58 21.08 -6.72
CA GLU A 330 20.53 20.66 -7.64
C GLU A 330 20.04 19.32 -7.12
N TYR A 331 18.78 19.01 -7.41
CA TYR A 331 18.17 17.78 -6.91
C TYR A 331 17.67 16.87 -8.03
N ARG A 332 17.87 15.56 -7.84
CA ARG A 332 17.35 14.54 -8.77
C ARG A 332 17.03 13.27 -7.99
N ASP A 333 15.83 12.72 -8.20
CA ASP A 333 15.37 11.53 -7.48
C ASP A 333 15.43 11.73 -5.95
N GLY A 334 15.39 12.98 -5.50
CA GLY A 334 15.53 13.28 -4.07
C GLY A 334 16.96 13.39 -3.55
N TYR A 335 17.93 13.14 -4.43
CA TYR A 335 19.35 13.21 -4.08
C TYR A 335 19.90 14.58 -4.45
N THR A 336 21.00 14.96 -3.83
CA THR A 336 21.63 16.25 -4.08
C THR A 336 22.77 16.14 -5.06
N LEU A 337 22.85 17.06 -6.02
CA LEU A 337 24.08 17.25 -6.78
C LEU A 337 24.77 18.52 -6.31
N LEU A 338 26.10 18.51 -6.25
CA LEU A 338 26.87 19.68 -5.84
C LEU A 338 27.65 20.28 -7.03
N LYS A 339 27.34 21.52 -7.37
CA LYS A 339 27.89 22.17 -8.55
C LYS A 339 28.76 23.37 -8.17
N ASN A 340 29.97 23.39 -8.70
CA ASN A 340 30.83 24.56 -8.55
C ASN A 340 30.32 25.67 -9.45
N ASN A 341 30.07 26.85 -8.89
CA ASN A 341 29.49 27.94 -9.67
C ASN A 341 30.38 28.45 -10.78
N GLU A 342 31.67 28.58 -10.49
CA GLU A 342 32.60 29.16 -11.46
C GLU A 342 32.86 28.22 -12.65
N THR A 343 33.06 26.92 -12.37
CA THR A 343 33.35 25.95 -13.43
C THR A 343 32.10 25.27 -14.00
N GLY A 344 31.00 25.29 -13.25
CA GLY A 344 29.77 24.62 -13.66
C GLY A 344 29.84 23.10 -13.58
N GLU A 345 30.82 22.57 -12.84
CA GLU A 345 31.06 21.13 -12.74
C GLU A 345 30.40 20.52 -11.51
N TYR A 346 30.02 19.24 -11.62
CA TYR A 346 29.43 18.47 -10.52
C TYR A 346 30.49 17.62 -9.82
N LEU A 347 30.39 17.56 -8.49
CA LEU A 347 31.23 16.66 -7.72
C LEU A 347 30.77 15.22 -7.94
N ASN A 348 31.72 14.34 -8.25
CA ASN A 348 31.39 12.96 -8.57
C ASN A 348 32.53 12.02 -8.28
N ILE A 349 32.25 10.71 -8.33
CA ILE A 349 33.28 9.68 -8.08
C ILE A 349 33.32 8.60 -9.17
N GLU A 350 33.00 8.98 -10.40
CA GLU A 350 32.88 8.02 -11.51
C GLU A 350 34.09 7.08 -11.69
N ASN A 351 35.30 7.64 -11.58
CA ASN A 351 36.51 6.86 -11.80
C ASN A 351 37.06 6.16 -10.56
N GLN A 352 36.40 6.38 -9.43
CA GLN A 352 36.71 5.70 -8.16
C GLN A 352 38.21 5.74 -7.83
N THR A 353 38.73 6.96 -7.70
CA THR A 353 40.15 7.20 -7.46
C THR A 353 40.51 7.38 -5.98
N GLY A 354 39.49 7.37 -5.12
CA GLY A 354 39.65 7.72 -3.72
C GLY A 354 39.46 9.20 -3.46
N TYR A 355 39.38 9.99 -4.53
CA TYR A 355 39.21 11.45 -4.43
C TYR A 355 37.97 11.92 -5.16
N ILE A 356 37.36 12.98 -4.65
CA ILE A 356 36.22 13.59 -5.34
C ILE A 356 36.74 14.20 -6.64
N GLU A 357 36.03 13.90 -7.74
CA GLU A 357 36.34 14.46 -9.05
C GLU A 357 35.38 15.61 -9.35
N HIS A 358 35.73 16.44 -10.34
CA HIS A 358 34.83 17.49 -10.81
C HIS A 358 34.79 17.57 -12.33
N GLY A 359 33.59 17.51 -12.89
CA GLY A 359 33.41 17.59 -14.34
C GLY A 359 32.00 17.91 -14.74
N LYS A 360 31.82 18.29 -16.00
CA LYS A 360 30.49 18.50 -16.53
C LYS A 360 29.94 17.14 -16.95
N VAL A 361 29.63 16.32 -15.95
CA VAL A 361 29.12 14.96 -16.16
C VAL A 361 27.59 14.97 -16.19
N PRO A 362 26.97 13.96 -16.81
CA PRO A 362 25.50 13.83 -16.78
C PRO A 362 24.92 13.79 -15.36
N LYS A 363 23.84 14.55 -15.16
CA LYS A 363 23.13 14.57 -13.89
C LYS A 363 22.53 13.22 -13.52
N THR A 364 22.35 12.35 -14.52
CA THR A 364 21.81 11.02 -14.31
C THR A 364 22.82 10.02 -13.75
N TRP A 365 24.08 10.41 -13.66
CA TRP A 365 25.11 9.53 -13.07
C TRP A 365 24.94 9.47 -11.56
N TRP A 366 24.74 8.25 -11.05
CA TRP A 366 24.58 8.07 -9.61
C TRP A 366 25.86 8.45 -8.86
N SER A 367 27.02 8.39 -9.55
CA SER A 367 28.29 8.77 -8.91
C SER A 367 28.33 10.27 -8.60
N ALA A 368 27.42 11.03 -9.21
CA ALA A 368 27.35 12.48 -8.99
C ALA A 368 26.17 12.89 -8.08
N GLN A 369 25.51 11.90 -7.50
CA GLN A 369 24.36 12.16 -6.63
C GLN A 369 24.65 11.78 -5.18
N TRP A 370 24.16 12.60 -4.26
CA TRP A 370 24.54 12.49 -2.85
C TRP A 370 23.33 12.55 -1.91
N SER A 371 23.31 11.68 -0.89
CA SER A 371 22.35 11.80 0.21
C SER A 371 22.87 12.79 1.24
N GLU A 372 22.01 13.70 1.69
CA GLU A 372 22.36 14.65 2.76
C GLU A 372 21.91 14.12 4.11
N VAL A 373 22.84 13.97 5.04
CA VAL A 373 22.55 13.36 6.32
C VAL A 373 22.91 14.32 7.45
N PRO A 374 21.91 14.94 8.08
CA PRO A 374 22.17 15.82 9.23
C PRO A 374 22.79 15.05 10.39
N VAL A 375 23.78 15.68 10.99
CA VAL A 375 24.39 15.13 12.19
C VAL A 375 24.92 16.28 13.00
N ASP A 376 24.40 16.40 14.22
CA ASP A 376 25.01 17.24 15.21
C ASP A 376 25.14 18.71 14.78
N GLY A 377 24.22 19.17 13.94
CA GLY A 377 24.23 20.54 13.42
C GLY A 377 24.96 20.75 12.11
N TYR A 378 25.54 19.66 11.59
CA TYR A 378 26.33 19.66 10.35
C TYR A 378 25.72 18.68 9.35
N THR A 379 26.39 18.49 8.21
CA THR A 379 25.87 17.71 7.10
C THR A 379 26.92 16.72 6.61
N ARG A 380 26.54 15.46 6.46
CA ARG A 380 27.36 14.51 5.70
C ARG A 380 26.76 14.29 4.31
N PHE A 381 27.61 14.00 3.35
CA PHE A 381 27.21 13.72 1.99
C PHE A 381 27.62 12.29 1.67
N VAL A 382 26.63 11.45 1.37
CA VAL A 382 26.85 10.02 1.17
C VAL A 382 26.48 9.64 -0.27
N ASN A 383 27.39 8.97 -0.98
CA ASN A 383 27.19 8.78 -2.42
C ASN A 383 26.02 7.85 -2.73
N ARG A 384 25.29 8.11 -3.82
CA ARG A 384 24.19 7.22 -4.21
C ARG A 384 24.72 5.92 -4.85
N TRP A 385 25.64 6.07 -5.80
CA TRP A 385 26.21 4.92 -6.52
C TRP A 385 26.93 3.98 -5.55
N LYS A 386 27.69 4.57 -4.63
CA LYS A 386 28.45 3.80 -3.63
C LYS A 386 28.07 4.25 -2.23
N PRO A 387 26.96 3.73 -1.71
CA PRO A 387 26.35 4.25 -0.48
C PRO A 387 27.15 4.05 0.82
N ASN A 388 28.29 3.36 0.77
CA ASN A 388 29.18 3.33 1.94
C ASN A 388 30.18 4.50 1.98
N MET A 389 30.18 5.31 0.92
CA MET A 389 31.22 6.32 0.73
C MET A 389 30.70 7.70 1.08
N SER A 390 31.44 8.43 1.93
CA SER A 390 31.08 9.80 2.29
C SER A 390 32.23 10.75 1.90
N ILE A 391 31.90 12.03 1.78
CA ILE A 391 32.89 13.08 1.48
C ILE A 391 33.61 13.46 2.77
N HIS A 392 34.94 13.41 2.74
CA HIS A 392 35.72 13.65 3.98
C HIS A 392 37.13 14.12 3.68
N THR A 393 37.83 14.60 4.72
CA THR A 393 39.26 14.91 4.61
C THR A 393 40.07 14.26 5.73
N GLU A 394 39.81 12.98 5.99
CA GLU A 394 40.41 12.30 7.13
C GLU A 394 41.94 12.08 6.99
N SER A 395 42.47 12.17 5.78
CA SER A 395 43.93 12.13 5.57
C SER A 395 44.56 13.52 5.59
N TYR A 396 43.73 14.56 5.60
CA TYR A 396 44.19 15.96 5.64
C TYR A 396 45.28 16.25 4.61
N GLU A 397 44.99 15.91 3.35
CA GLU A 397 45.98 16.04 2.28
C GLU A 397 45.84 17.34 1.48
N GLY A 398 44.94 18.23 1.92
CA GLY A 398 44.71 19.50 1.23
C GLY A 398 43.70 19.42 0.09
N VAL A 399 43.19 18.21 -0.14
CA VAL A 399 42.24 17.91 -1.22
C VAL A 399 41.11 17.04 -0.69
N LEU A 400 40.01 16.96 -1.46
CA LEU A 400 38.80 16.30 -1.00
C LEU A 400 38.77 14.81 -1.32
N GLN A 401 38.46 14.00 -0.31
CA GLN A 401 38.43 12.55 -0.46
C GLN A 401 37.01 12.00 -0.38
N TYR A 402 36.83 10.74 -0.78
CA TYR A 402 35.64 10.00 -0.36
C TYR A 402 36.17 8.69 0.24
N GLY A 403 35.38 8.10 1.13
CA GLY A 403 35.71 6.82 1.72
C GLY A 403 34.65 6.44 2.73
N ASN A 404 34.83 5.26 3.33
CA ASN A 404 33.95 4.79 4.38
C ASN A 404 34.55 5.19 5.73
N VAL A 405 33.97 6.21 6.35
CA VAL A 405 34.44 6.69 7.66
C VAL A 405 33.20 6.93 8.52
N PRO A 406 33.33 6.78 9.83
CA PRO A 406 32.18 6.89 10.72
C PRO A 406 31.48 8.25 10.67
N ASN A 407 30.18 8.23 10.95
CA ASN A 407 29.37 9.46 10.95
C ASN A 407 29.85 10.51 11.97
N THR A 408 30.53 10.03 13.01
CA THR A 408 31.03 10.90 14.10
C THR A 408 32.36 11.57 13.81
N TYR A 409 33.01 11.21 12.68
CA TYR A 409 34.29 11.83 12.33
C TYR A 409 34.08 13.25 11.80
N TRP A 410 34.63 14.24 12.49
CA TRP A 410 34.41 15.64 12.10
C TRP A 410 35.00 16.01 10.74
N THR A 411 36.01 15.27 10.27
CA THR A 411 36.51 15.51 8.91
C THR A 411 35.49 15.12 7.84
N SER A 412 34.43 14.39 8.23
CA SER A 412 33.37 14.06 7.28
C SER A 412 32.10 14.91 7.45
N GLN A 413 32.18 15.93 8.30
CA GLN A 413 31.03 16.77 8.64
C GLN A 413 31.25 18.17 8.05
N TRP A 414 30.20 18.69 7.41
CA TRP A 414 30.29 19.92 6.61
C TRP A 414 29.20 20.92 6.96
N GLN A 415 29.52 22.20 6.80
CA GLN A 415 28.55 23.27 7.00
C GLN A 415 28.28 23.90 5.64
N LEU A 416 27.03 23.89 5.18
CA LEU A 416 26.68 24.67 3.97
C LEU A 416 26.23 26.05 4.42
N ILE A 417 26.98 27.06 3.99
CA ILE A 417 26.75 28.43 4.43
C ILE A 417 26.24 29.28 3.29
N PRO A 418 24.97 29.69 3.32
CA PRO A 418 24.44 30.53 2.26
C PRO A 418 25.22 31.84 2.13
N VAL A 419 25.57 32.20 0.89
CA VAL A 419 26.27 33.45 0.60
C VAL A 419 25.67 34.07 -0.64
N GLU A 420 25.81 35.38 -0.78
CA GLU A 420 25.43 36.06 -2.01
C GLU A 420 26.22 35.52 -3.19
N ASP B 19 -28.07 -27.48 -17.31
CA ASP B 19 -26.90 -27.61 -16.37
C ASP B 19 -25.61 -27.87 -17.14
N PHE B 20 -24.49 -27.34 -16.64
CA PHE B 20 -23.19 -27.72 -17.17
C PHE B 20 -22.85 -29.12 -16.66
N PRO B 21 -22.43 -30.01 -17.54
CA PRO B 21 -22.22 -31.41 -17.12
C PRO B 21 -21.12 -31.54 -16.06
N ALA B 22 -21.35 -32.42 -15.09
CA ALA B 22 -20.31 -32.72 -14.10
C ALA B 22 -19.02 -33.20 -14.77
N ASN B 23 -17.89 -32.70 -14.26
CA ASN B 23 -16.57 -33.15 -14.68
C ASN B 23 -16.32 -34.58 -14.19
N PRO B 24 -15.38 -35.29 -14.82
CA PRO B 24 -14.97 -36.62 -14.34
C PRO B 24 -14.22 -36.55 -13.01
N ILE B 25 -14.25 -37.64 -12.26
CA ILE B 25 -13.53 -37.72 -10.99
C ILE B 25 -12.02 -37.72 -11.19
N GLU B 26 -11.56 -38.31 -12.30
CA GLU B 26 -10.13 -38.31 -12.62
C GLU B 26 -9.77 -37.14 -13.54
N LYS B 27 -8.75 -36.38 -13.13
CA LYS B 27 -8.29 -35.20 -13.85
C LYS B 27 -6.91 -35.48 -14.43
N ALA B 28 -6.79 -35.35 -15.75
CA ALA B 28 -5.54 -35.62 -16.47
C ALA B 28 -4.33 -34.87 -15.87
N GLY B 29 -3.31 -35.61 -15.45
CA GLY B 29 -2.10 -35.02 -14.88
C GLY B 29 -2.20 -34.70 -13.39
N TYR B 30 -3.32 -35.07 -12.77
CA TYR B 30 -3.52 -34.81 -11.35
C TYR B 30 -3.89 -36.09 -10.62
N LYS B 31 -3.76 -36.06 -9.29
CA LYS B 31 -4.33 -37.08 -8.41
C LYS B 31 -5.38 -36.47 -7.52
N LEU B 32 -6.49 -37.17 -7.33
CA LEU B 32 -7.55 -36.72 -6.42
C LEU B 32 -7.11 -36.82 -4.96
N ASP B 33 -7.14 -35.70 -4.26
CA ASP B 33 -6.67 -35.64 -2.86
C ASP B 33 -7.81 -35.61 -1.84
N PHE B 34 -8.97 -35.08 -2.27
CA PHE B 34 -10.13 -34.97 -1.40
C PHE B 34 -11.37 -34.93 -2.28
N SER B 35 -12.44 -35.57 -1.83
CA SER B 35 -13.73 -35.41 -2.49
C SER B 35 -14.88 -35.65 -1.52
N ASP B 36 -15.99 -34.94 -1.77
CA ASP B 36 -17.26 -35.30 -1.18
C ASP B 36 -18.30 -35.13 -2.27
N GLU B 37 -18.93 -36.25 -2.63
CA GLU B 37 -19.95 -36.23 -3.68
C GLU B 37 -21.36 -35.91 -3.18
N PHE B 38 -21.48 -35.66 -1.87
CA PHE B 38 -22.67 -35.08 -1.24
C PHE B 38 -23.95 -35.82 -1.63
N ASN B 39 -23.86 -37.13 -1.73
CA ASN B 39 -25.02 -37.89 -2.19
C ASN B 39 -25.99 -38.22 -1.05
N GLY B 40 -25.53 -38.06 0.19
CA GLY B 40 -26.31 -38.37 1.37
C GLY B 40 -26.19 -39.85 1.75
N PRO B 41 -27.01 -40.31 2.69
CA PRO B 41 -28.10 -39.52 3.28
C PRO B 41 -27.66 -38.64 4.47
N THR B 42 -26.42 -38.80 4.93
CA THR B 42 -25.95 -37.97 6.04
C THR B 42 -24.63 -37.29 5.71
N LEU B 43 -24.33 -36.23 6.46
CA LEU B 43 -23.04 -35.54 6.36
C LEU B 43 -21.91 -36.44 6.87
N ASP B 44 -20.82 -36.51 6.09
CA ASP B 44 -19.66 -37.29 6.48
C ASP B 44 -18.87 -36.54 7.56
N ARG B 45 -19.03 -36.96 8.82
CA ARG B 45 -18.40 -36.27 9.94
C ARG B 45 -16.90 -36.55 10.09
N GLU B 46 -16.35 -37.39 9.21
CA GLU B 46 -14.89 -37.50 9.10
C GLU B 46 -14.33 -36.41 8.20
N LYS B 47 -15.21 -35.72 7.47
CA LYS B 47 -14.78 -34.65 6.58
C LYS B 47 -15.26 -33.28 7.04
N TRP B 48 -16.45 -33.22 7.65
CA TRP B 48 -17.09 -31.92 7.97
C TRP B 48 -17.66 -31.88 9.37
N THR B 49 -17.66 -30.68 9.95
CA THR B 49 -18.55 -30.36 11.05
C THR B 49 -19.67 -29.45 10.56
N ASP B 50 -20.85 -29.56 11.19
CA ASP B 50 -22.01 -28.77 10.78
C ASP B 50 -22.31 -27.64 11.74
N TYR B 51 -21.23 -27.00 12.22
CA TYR B 51 -21.29 -25.80 13.05
C TYR B 51 -20.46 -24.71 12.40
N TYR B 52 -20.98 -23.48 12.41
CA TYR B 52 -20.28 -22.31 11.90
C TYR B 52 -19.42 -21.71 13.01
N LEU B 53 -18.10 -21.73 12.82
CA LEU B 53 -17.13 -21.11 13.77
C LEU B 53 -17.62 -21.12 15.24
N PRO B 54 -17.88 -22.32 15.78
CA PRO B 54 -18.57 -22.43 17.07
C PRO B 54 -17.78 -21.85 18.26
N HIS B 55 -16.49 -21.63 18.06
CA HIS B 55 -15.64 -21.09 19.15
C HIS B 55 -15.96 -19.64 19.52
N TRP B 56 -16.66 -18.90 18.63
CA TRP B 56 -17.00 -17.52 18.93
C TRP B 56 -18.24 -17.39 19.84
N CYS B 57 -18.94 -18.48 20.06
CA CYS B 57 -20.24 -18.37 20.69
C CYS B 57 -20.32 -19.09 22.03
N LYS B 58 -20.90 -18.40 23.03
CA LYS B 58 -21.06 -18.96 24.37
C LYS B 58 -21.75 -20.32 24.34
N ASP B 59 -22.84 -20.38 23.58
CA ASP B 59 -23.54 -21.64 23.34
C ASP B 59 -23.38 -22.02 21.86
N PRO B 60 -22.48 -22.97 21.59
CA PRO B 60 -22.18 -23.33 20.20
C PRO B 60 -23.39 -23.93 19.48
N GLU B 61 -24.41 -24.37 20.22
CA GLU B 61 -25.60 -24.92 19.56
C GLU B 61 -26.35 -23.92 18.66
N SER B 62 -26.22 -22.63 18.97
CA SER B 62 -26.78 -21.58 18.11
C SER B 62 -26.17 -21.59 16.70
N ALA B 63 -24.95 -22.14 16.61
CA ALA B 63 -24.18 -22.11 15.37
C ALA B 63 -24.41 -23.32 14.48
N LYS B 64 -25.37 -24.17 14.85
CA LYS B 64 -25.64 -25.41 14.12
C LYS B 64 -26.32 -25.10 12.79
N ALA B 65 -25.90 -25.82 11.74
CA ALA B 65 -26.43 -25.65 10.38
C ALA B 65 -27.77 -26.36 10.22
N ASN B 66 -28.61 -25.81 9.34
CA ASN B 66 -29.72 -26.57 8.81
C ASN B 66 -29.41 -26.99 7.38
N TYR B 67 -29.66 -28.26 7.07
CA TYR B 67 -29.38 -28.77 5.73
C TYR B 67 -30.08 -30.10 5.51
N ARG B 68 -30.13 -30.49 4.25
CA ARG B 68 -30.62 -31.80 3.85
C ARG B 68 -29.94 -32.19 2.55
N PHE B 69 -30.30 -33.35 2.01
CA PHE B 69 -29.74 -33.79 0.74
C PHE B 69 -30.88 -34.01 -0.25
N GLU B 70 -30.59 -33.75 -1.52
CA GLU B 70 -31.61 -33.80 -2.54
C GLU B 70 -30.97 -34.08 -3.89
N ASN B 71 -31.37 -35.18 -4.51
CA ASN B 71 -30.91 -35.52 -5.86
C ASN B 71 -29.37 -35.46 -5.99
N GLY B 72 -28.67 -35.99 -4.99
CA GLY B 72 -27.21 -36.06 -5.02
C GLY B 72 -26.50 -34.75 -4.67
N SER B 73 -27.23 -33.81 -4.08
CA SER B 73 -26.67 -32.51 -3.68
C SER B 73 -26.89 -32.23 -2.19
N LEU B 74 -25.92 -31.58 -1.57
CA LEU B 74 -26.11 -31.01 -0.23
C LEU B 74 -26.88 -29.71 -0.42
N VAL B 75 -27.99 -29.58 0.30
CA VAL B 75 -28.80 -28.36 0.27
C VAL B 75 -28.72 -27.67 1.64
N GLU B 76 -27.93 -26.60 1.75
CA GLU B 76 -27.90 -25.82 2.99
C GLU B 76 -29.02 -24.79 2.95
N TYR B 77 -29.73 -24.60 4.05
CA TYR B 77 -30.82 -23.64 4.03
C TYR B 77 -30.98 -22.85 5.31
N ILE B 78 -31.57 -21.67 5.19
CA ILE B 78 -31.92 -20.83 6.34
C ILE B 78 -33.44 -20.69 6.32
N THR B 79 -34.11 -21.04 7.42
CA THR B 79 -35.57 -20.86 7.55
C THR B 79 -35.92 -19.46 8.03
N GLU B 80 -37.18 -19.06 7.83
CA GLU B 80 -37.65 -17.76 8.27
C GLU B 80 -37.47 -17.57 9.77
N ASP B 81 -37.62 -18.67 10.53
CA ASP B 81 -37.52 -18.59 11.98
C ASP B 81 -36.15 -18.96 12.58
N GLN B 82 -35.17 -19.19 11.70
CA GLN B 82 -33.81 -19.47 12.13
C GLN B 82 -33.23 -18.26 12.87
N LYS B 83 -32.66 -18.53 14.04
CA LYS B 83 -32.12 -17.47 14.91
C LYS B 83 -30.69 -17.15 14.48
N PRO B 84 -30.20 -15.95 14.80
CA PRO B 84 -28.80 -15.60 14.55
C PRO B 84 -27.81 -16.64 15.09
N TRP B 85 -26.73 -16.90 14.35
CA TRP B 85 -25.80 -17.97 14.70
C TRP B 85 -24.91 -17.59 15.89
N CYS B 86 -24.68 -16.28 16.09
CA CYS B 86 -23.74 -15.76 17.10
C CYS B 86 -24.06 -14.31 17.42
N PRO B 87 -25.17 -14.06 18.11
CA PRO B 87 -25.68 -12.69 18.28
C PRO B 87 -24.73 -11.77 19.07
N GLU B 88 -23.90 -12.35 19.93
CA GLU B 88 -22.93 -11.53 20.69
C GLU B 88 -21.80 -10.94 19.82
N HIS B 89 -21.48 -11.61 18.71
CA HIS B 89 -20.37 -11.15 17.86
C HIS B 89 -20.73 -10.84 16.41
N ASP B 90 -21.80 -11.44 15.90
CA ASP B 90 -22.19 -11.23 14.50
C ASP B 90 -23.61 -10.67 14.33
N GLY B 91 -24.15 -10.07 15.40
CA GLY B 91 -25.44 -9.39 15.32
C GLY B 91 -26.56 -10.26 14.77
N THR B 92 -27.32 -9.72 13.82
CA THR B 92 -28.51 -10.35 13.22
C THR B 92 -28.19 -11.50 12.24
N VAL B 93 -26.92 -11.71 11.93
CA VAL B 93 -26.54 -12.65 10.85
C VAL B 93 -27.06 -14.06 11.10
N ARG B 94 -27.74 -14.63 10.10
CA ARG B 94 -28.08 -16.05 10.10
C ARG B 94 -27.18 -16.76 9.11
N SER B 95 -26.68 -17.94 9.47
CA SER B 95 -25.90 -18.74 8.53
C SER B 95 -26.12 -20.21 8.78
N SER B 96 -26.13 -21.02 7.72
CA SER B 96 -26.04 -22.46 7.83
C SER B 96 -24.75 -22.88 7.18
N ALA B 97 -23.84 -23.47 7.95
CA ALA B 97 -22.48 -23.76 7.46
C ALA B 97 -22.01 -25.18 7.75
N ILE B 98 -21.19 -25.70 6.84
CA ILE B 98 -20.28 -26.80 7.18
C ILE B 98 -18.83 -26.33 7.05
N MET B 99 -17.95 -26.92 7.86
CA MET B 99 -16.53 -26.57 7.82
C MET B 99 -15.68 -27.83 7.87
N SER B 100 -14.52 -27.79 7.20
CA SER B 100 -13.63 -28.94 7.13
C SER B 100 -12.61 -28.97 8.26
N PHE B 101 -12.92 -28.24 9.34
CA PHE B 101 -12.03 -28.12 10.50
C PHE B 101 -12.88 -27.62 11.67
N ASP B 102 -12.29 -27.65 12.86
CA ASP B 102 -12.89 -27.14 14.08
C ASP B 102 -11.69 -26.78 14.95
N LYS B 103 -11.48 -25.48 15.16
CA LYS B 103 -10.24 -25.00 15.80
C LYS B 103 -10.45 -23.65 16.47
N SER B 104 -9.93 -23.50 17.71
CA SER B 104 -9.97 -22.23 18.43
C SER B 104 -9.40 -21.07 17.62
N TRP B 105 -9.98 -19.89 17.84
CA TRP B 105 -9.45 -18.59 17.33
C TRP B 105 -9.53 -18.34 15.82
N ILE B 106 -10.02 -19.30 15.04
CA ILE B 106 -9.99 -19.16 13.59
C ILE B 106 -10.96 -18.07 13.11
N HIS B 107 -10.44 -17.19 12.23
CA HIS B 107 -11.24 -16.18 11.54
C HIS B 107 -11.97 -15.23 12.51
N ASN B 108 -11.21 -14.37 13.17
CA ASN B 108 -11.75 -13.46 14.18
C ASN B 108 -12.24 -12.17 13.56
N PHE B 109 -13.34 -12.29 12.80
CA PHE B 109 -13.91 -11.19 12.03
C PHE B 109 -14.31 -9.99 12.90
N SER B 110 -14.60 -10.24 14.18
CA SER B 110 -15.06 -9.18 15.08
C SER B 110 -13.94 -8.62 15.95
N GLY B 111 -12.78 -9.27 15.93
CA GLY B 111 -11.64 -8.88 16.77
C GLY B 111 -11.85 -9.08 18.25
N THR B 112 -12.74 -10.00 18.60
CA THR B 112 -13.05 -10.28 19.99
C THR B 112 -11.94 -11.05 20.71
N THR B 113 -11.85 -10.88 22.03
CA THR B 113 -11.00 -11.71 22.88
C THR B 113 -11.76 -12.94 23.41
N ASP B 114 -13.05 -13.03 23.09
CA ASP B 114 -13.97 -14.04 23.62
C ASP B 114 -13.94 -15.37 22.86
N ASN B 115 -12.81 -16.07 22.91
CA ASN B 115 -12.70 -17.40 22.31
C ASN B 115 -13.12 -18.49 23.30
N HIS B 116 -13.82 -19.49 22.79
CA HIS B 116 -14.22 -20.66 23.57
C HIS B 116 -13.42 -21.88 23.09
N GLU B 117 -12.67 -22.50 24.01
CA GLU B 117 -11.73 -23.57 23.63
C GLU B 117 -12.37 -24.73 22.88
N ARG B 118 -11.71 -25.17 21.81
CA ARG B 118 -12.11 -26.36 21.03
C ARG B 118 -10.96 -27.36 20.99
N ASN B 119 -11.30 -28.64 20.94
CA ASN B 119 -10.30 -29.65 20.64
C ASN B 119 -10.07 -29.63 19.13
N GLU B 120 -8.86 -29.24 18.74
CA GLU B 120 -8.51 -29.06 17.32
C GLU B 120 -8.82 -30.32 16.50
N TRP B 121 -9.58 -30.13 15.42
CA TRP B 121 -9.93 -31.24 14.51
C TRP B 121 -9.78 -30.75 13.07
N ARG B 122 -9.15 -31.56 12.24
CA ARG B 122 -8.92 -31.21 10.85
C ARG B 122 -9.46 -32.27 9.91
N GLY B 123 -10.63 -31.99 9.34
CA GLY B 123 -11.26 -32.87 8.36
C GLY B 123 -10.49 -32.85 7.05
N TYR B 124 -10.24 -31.65 6.55
CA TYR B 124 -9.37 -31.47 5.39
C TYR B 124 -8.75 -30.10 5.39
N THR B 125 -7.42 -30.05 5.57
CA THR B 125 -6.68 -28.78 5.46
C THR B 125 -5.49 -29.04 4.54
N THR B 126 -5.21 -28.11 3.63
CA THR B 126 -4.14 -28.37 2.67
C THR B 126 -3.57 -27.05 2.12
N LYS B 127 -2.39 -27.15 1.51
CA LYS B 127 -1.78 -26.00 0.81
C LYS B 127 -1.55 -26.34 -0.66
N TYR B 128 -2.14 -25.50 -1.53
CA TYR B 128 -2.07 -25.63 -3.00
C TYR B 128 -2.98 -26.72 -3.56
N GLY B 129 -3.33 -26.59 -4.83
CA GLY B 129 -4.15 -27.61 -5.50
C GLY B 129 -5.19 -27.02 -6.44
N TYR B 130 -5.91 -27.91 -7.12
CA TYR B 130 -7.04 -27.54 -7.98
C TYR B 130 -8.33 -27.89 -7.24
N PHE B 131 -9.07 -26.86 -6.86
CA PHE B 131 -10.27 -26.97 -6.02
C PHE B 131 -11.49 -26.72 -6.88
N GLU B 132 -12.52 -27.55 -6.73
CA GLU B 132 -13.68 -27.46 -7.61
C GLU B 132 -14.97 -27.81 -6.89
N ILE B 133 -16.03 -27.02 -7.14
CA ILE B 133 -17.37 -27.47 -6.79
C ILE B 133 -18.29 -27.35 -8.01
N ARG B 134 -19.38 -28.10 -7.97
CA ARG B 134 -20.49 -27.92 -8.92
C ARG B 134 -21.71 -27.56 -8.09
N ALA B 135 -22.36 -26.45 -8.42
CA ALA B 135 -23.38 -25.92 -7.54
C ALA B 135 -24.42 -25.12 -8.31
N LYS B 136 -25.61 -25.06 -7.73
CA LYS B 136 -26.70 -24.25 -8.21
C LYS B 136 -27.03 -23.24 -7.10
N LEU B 137 -27.03 -21.97 -7.46
CA LEU B 137 -27.13 -20.90 -6.47
C LEU B 137 -28.56 -20.58 -6.07
N SER B 138 -28.73 -19.91 -4.93
CA SER B 138 -30.07 -19.51 -4.46
C SER B 138 -30.85 -18.74 -5.50
N ASN B 139 -32.13 -19.09 -5.66
CA ASN B 139 -33.03 -18.35 -6.54
C ASN B 139 -33.97 -17.40 -5.78
N THR B 140 -33.71 -17.16 -4.50
CA THR B 140 -34.63 -16.35 -3.69
C THR B 140 -34.59 -14.85 -4.00
N GLY B 141 -33.48 -14.36 -4.53
CA GLY B 141 -33.21 -12.92 -4.58
C GLY B 141 -33.13 -12.30 -3.19
N GLY B 142 -33.11 -10.97 -3.14
CA GLY B 142 -33.13 -10.26 -1.87
C GLY B 142 -31.77 -10.29 -1.20
N GLY B 143 -31.72 -9.78 0.03
CA GLY B 143 -30.45 -9.73 0.77
C GLY B 143 -29.96 -11.09 1.17
N GLY B 144 -28.64 -11.26 1.10
CA GLY B 144 -27.98 -12.51 1.44
C GLY B 144 -27.01 -12.97 0.37
N HIS B 145 -26.28 -14.04 0.67
CA HIS B 145 -25.29 -14.60 -0.24
C HIS B 145 -24.95 -16.02 0.14
N GLN B 146 -24.35 -16.76 -0.78
CA GLN B 146 -23.78 -18.07 -0.41
C GLN B 146 -22.28 -17.94 -0.56
N ALA B 147 -21.54 -18.87 0.04
CA ALA B 147 -20.10 -18.72 0.07
C ALA B 147 -19.37 -20.05 0.09
N TRP B 148 -18.30 -20.10 -0.70
CA TRP B 148 -17.33 -21.20 -0.65
C TRP B 148 -16.01 -20.50 -0.44
N TRP B 149 -15.43 -20.72 0.73
CA TRP B 149 -14.27 -19.91 1.10
C TRP B 149 -13.28 -20.71 1.92
N MET B 150 -12.06 -20.21 1.96
CA MET B 150 -10.99 -20.88 2.68
C MET B 150 -10.34 -19.87 3.62
N VAL B 151 -9.87 -20.37 4.77
CA VAL B 151 -9.17 -19.51 5.74
C VAL B 151 -7.87 -20.18 6.20
N GLY B 152 -6.85 -19.37 6.52
CA GLY B 152 -5.62 -19.92 7.06
C GLY B 152 -5.90 -20.62 8.38
N MET B 153 -5.15 -21.68 8.66
CA MET B 153 -5.40 -22.46 9.87
C MET B 153 -4.66 -21.92 11.09
N GLN B 154 -3.96 -20.79 10.93
CA GLN B 154 -3.32 -20.10 12.06
C GLN B 154 -2.37 -21.04 12.83
N ASP B 155 -1.62 -21.82 12.07
CA ASP B 155 -0.76 -22.87 12.68
C ASP B 155 0.52 -22.36 13.32
N ASP B 156 0.91 -21.13 13.00
CA ASP B 156 2.07 -20.49 13.64
C ASP B 156 1.92 -20.30 15.16
N THR B 157 0.75 -19.81 15.60
CA THR B 157 0.55 -19.49 17.02
C THR B 157 -0.64 -20.17 17.66
N ASN B 158 -1.51 -20.76 16.84
CA ASN B 158 -2.79 -21.31 17.30
C ASN B 158 -3.62 -20.30 18.09
N ASP B 159 -3.47 -19.03 17.73
CA ASP B 159 -4.36 -17.99 18.23
C ASP B 159 -4.65 -17.02 17.09
N TRP B 160 -5.36 -15.94 17.36
CA TRP B 160 -5.65 -14.95 16.32
C TRP B 160 -4.65 -13.79 16.33
N PHE B 161 -4.55 -13.09 17.46
CA PHE B 161 -3.86 -11.78 17.43
C PHE B 161 -2.37 -11.90 17.09
N ASN B 162 -1.75 -13.01 17.47
CA ASN B 162 -0.34 -13.24 17.14
C ASN B 162 -0.07 -13.96 15.82
N SER B 163 -1.13 -14.49 15.20
CA SER B 163 -0.98 -15.23 13.95
C SER B 163 -0.83 -14.32 12.73
N LYS B 164 0.04 -14.73 11.81
CA LYS B 164 0.12 -14.11 10.49
C LYS B 164 -0.42 -15.05 9.41
N GLN B 165 -1.08 -16.13 9.85
CA GLN B 165 -1.56 -17.14 8.90
C GLN B 165 -3.11 -17.17 8.87
N THR B 166 -3.66 -16.02 8.48
CA THR B 166 -5.09 -15.67 8.65
C THR B 166 -5.74 -15.32 7.33
N GLY B 167 -5.10 -15.65 6.20
CA GLY B 167 -5.63 -15.26 4.90
C GLY B 167 -7.02 -15.84 4.64
N GLU B 168 -7.81 -15.09 3.88
CA GLU B 168 -9.15 -15.52 3.48
C GLU B 168 -9.25 -15.47 1.96
N ILE B 169 -9.70 -16.57 1.34
CA ILE B 169 -10.04 -16.55 -0.09
C ILE B 169 -11.51 -16.89 -0.18
N ASP B 170 -12.31 -15.97 -0.70
CA ASP B 170 -13.71 -16.24 -1.00
C ASP B 170 -13.78 -16.68 -2.46
N ILE B 171 -13.73 -17.99 -2.67
CA ILE B 171 -13.71 -18.53 -4.02
C ILE B 171 -15.06 -18.21 -4.70
N LEU B 172 -16.13 -18.26 -3.92
CA LEU B 172 -17.45 -17.83 -4.38
C LEU B 172 -18.11 -17.13 -3.20
N GLU B 173 -18.64 -15.93 -3.45
CA GLU B 173 -19.35 -15.16 -2.44
C GLU B 173 -20.59 -14.51 -3.05
N THR B 174 -21.09 -15.09 -4.13
CA THR B 174 -22.12 -14.44 -4.97
C THR B 174 -23.39 -14.07 -4.20
N PHE B 175 -23.84 -12.84 -4.37
CA PHE B 175 -25.04 -12.30 -3.70
C PHE B 175 -26.31 -12.81 -4.39
N PHE B 176 -27.34 -13.09 -3.60
CA PHE B 176 -28.65 -13.49 -4.15
C PHE B 176 -29.21 -12.43 -5.13
N SER B 177 -28.90 -11.16 -4.87
CA SER B 177 -29.48 -10.04 -5.63
C SER B 177 -28.78 -9.76 -6.96
N LYS B 178 -27.71 -10.48 -7.25
CA LYS B 178 -26.89 -10.22 -8.43
C LYS B 178 -26.78 -11.51 -9.23
N LYS B 179 -27.89 -11.88 -9.87
CA LYS B 179 -28.08 -13.26 -10.33
C LYS B 179 -27.19 -13.69 -11.52
N ASP B 180 -26.58 -12.72 -12.20
CA ASP B 180 -25.71 -13.02 -13.34
C ASP B 180 -24.20 -12.92 -13.02
N THR B 181 -23.85 -12.83 -11.74
CA THR B 181 -22.45 -12.63 -11.36
C THR B 181 -21.78 -13.86 -10.75
N TRP B 182 -20.46 -13.81 -10.66
CA TRP B 182 -19.70 -14.69 -9.76
C TRP B 182 -18.79 -13.76 -8.94
N ARG B 183 -19.03 -13.68 -7.64
CA ARG B 183 -18.23 -12.84 -6.77
C ARG B 183 -17.05 -13.61 -6.19
N ILE B 184 -15.86 -13.03 -6.33
CA ILE B 184 -14.59 -13.60 -5.88
C ILE B 184 -13.87 -12.50 -5.10
N ALA B 185 -13.28 -12.87 -3.97
CA ALA B 185 -12.62 -11.90 -3.11
C ALA B 185 -11.50 -12.54 -2.30
N ALA B 186 -10.57 -11.72 -1.80
CA ALA B 186 -9.48 -12.24 -0.95
C ALA B 186 -8.86 -11.12 -0.13
N TYR B 187 -8.28 -11.51 1.00
CA TYR B 187 -7.69 -10.54 1.94
C TYR B 187 -6.82 -11.31 2.92
N GLY B 188 -5.66 -10.72 3.25
CA GLY B 188 -4.74 -11.35 4.18
C GLY B 188 -5.09 -11.29 5.67
N TRP B 189 -5.98 -10.38 6.06
CA TRP B 189 -6.22 -10.09 7.50
C TRP B 189 -4.90 -9.72 8.18
N ASN B 190 -4.38 -10.56 9.09
CA ASN B 190 -3.08 -10.27 9.74
C ASN B 190 -1.83 -10.59 8.90
N ASP B 191 -2.01 -11.30 7.78
CA ASP B 191 -0.89 -11.75 6.96
C ASP B 191 -0.28 -10.58 6.15
N PRO B 192 0.96 -10.21 6.45
CA PRO B 192 1.58 -9.06 5.79
C PRO B 192 2.07 -9.41 4.38
N ASN B 193 2.02 -10.70 4.04
CA ASN B 193 2.57 -11.21 2.77
C ASN B 193 1.53 -11.61 1.73
N PHE B 194 0.25 -11.51 2.08
CA PHE B 194 -0.83 -11.88 1.14
C PHE B 194 -1.96 -10.84 1.13
N GLN B 195 -2.18 -10.25 -0.04
CA GLN B 195 -3.37 -9.45 -0.31
C GLN B 195 -3.74 -8.53 0.87
N THR B 196 -2.91 -7.54 1.10
CA THR B 196 -2.98 -6.77 2.36
C THR B 196 -4.12 -5.74 2.39
N SER B 197 -4.83 -5.64 1.26
CA SER B 197 -6.13 -4.95 1.19
C SER B 197 -7.09 -5.84 0.43
N TRP B 198 -8.38 -5.76 0.77
CA TRP B 198 -9.40 -6.53 0.03
C TRP B 198 -9.30 -6.34 -1.46
N THR B 199 -9.34 -7.45 -2.20
CA THR B 199 -9.64 -7.36 -3.64
C THR B 199 -10.98 -8.07 -3.85
N ILE B 200 -11.92 -7.44 -4.57
CA ILE B 200 -13.26 -7.99 -4.74
C ILE B 200 -13.68 -7.71 -6.19
N SER B 201 -14.28 -8.70 -6.84
CA SER B 201 -14.95 -8.46 -8.11
C SER B 201 -16.23 -9.29 -8.19
N GLU B 202 -17.16 -8.86 -9.03
CA GLU B 202 -18.36 -9.67 -9.28
C GLU B 202 -18.76 -9.55 -10.75
N ASP B 203 -17.83 -10.02 -11.58
CA ASP B 203 -18.01 -9.99 -13.03
C ASP B 203 -19.18 -10.86 -13.44
N LYS B 204 -19.75 -10.54 -14.61
CA LYS B 204 -20.87 -11.32 -15.09
C LYS B 204 -20.32 -12.60 -15.68
N VAL B 205 -21.04 -13.70 -15.46
CA VAL B 205 -20.65 -14.98 -16.05
C VAL B 205 -20.86 -14.91 -17.57
N PRO B 206 -20.00 -15.58 -18.33
CA PRO B 206 -20.07 -15.53 -19.80
C PRO B 206 -21.24 -16.29 -20.42
N SER B 207 -21.83 -17.22 -19.68
CA SER B 207 -22.91 -18.08 -20.15
C SER B 207 -23.66 -18.70 -18.97
N GLY B 208 -24.88 -19.14 -19.21
CA GLY B 208 -25.69 -19.79 -18.20
C GLY B 208 -26.42 -18.85 -17.25
N ASP B 209 -27.21 -19.46 -16.36
CA ASP B 209 -28.02 -18.76 -15.36
C ASP B 209 -27.71 -19.43 -14.02
N PRO B 210 -26.70 -18.94 -13.29
CA PRO B 210 -26.24 -19.61 -12.06
C PRO B 210 -27.33 -19.95 -11.02
N THR B 211 -28.43 -19.19 -10.95
CA THR B 211 -29.43 -19.43 -9.92
C THR B 211 -30.51 -20.45 -10.32
N SER B 212 -30.42 -21.00 -11.53
CA SER B 212 -31.39 -22.01 -11.96
C SER B 212 -30.72 -23.25 -12.57
N GLU B 213 -29.39 -23.22 -12.57
CA GLU B 213 -28.59 -24.27 -13.19
C GLU B 213 -27.36 -24.62 -12.36
N TYR B 214 -26.93 -25.87 -12.45
CA TYR B 214 -25.62 -26.23 -11.94
C TYR B 214 -24.53 -25.76 -12.89
N HIS B 215 -23.52 -25.11 -12.31
CA HIS B 215 -22.29 -24.74 -13.00
C HIS B 215 -21.08 -25.16 -12.17
N ILE B 216 -19.91 -25.16 -12.79
CA ILE B 216 -18.70 -25.59 -12.12
C ILE B 216 -17.85 -24.37 -11.81
N TYR B 217 -17.44 -24.27 -10.55
CA TYR B 217 -16.59 -23.18 -10.07
C TYR B 217 -15.28 -23.78 -9.57
N ALA B 218 -14.16 -23.20 -9.99
CA ALA B 218 -12.89 -23.79 -9.58
C ALA B 218 -11.81 -22.76 -9.30
N MET B 219 -10.88 -23.14 -8.44
CA MET B 219 -9.68 -22.32 -8.18
C MET B 219 -8.45 -23.20 -8.21
N GLU B 220 -7.46 -22.80 -9.01
CA GLU B 220 -6.14 -23.42 -8.90
C GLU B 220 -5.27 -22.47 -8.08
N TRP B 221 -4.78 -22.98 -6.95
CA TRP B 221 -3.95 -22.21 -6.02
C TRP B 221 -2.56 -22.79 -6.16
N THR B 222 -1.65 -22.00 -6.72
CA THR B 222 -0.26 -22.41 -6.93
C THR B 222 0.62 -21.57 -6.01
N PRO B 223 1.92 -21.84 -5.92
CA PRO B 223 2.80 -20.96 -5.14
C PRO B 223 2.78 -19.49 -5.56
N THR B 224 2.32 -19.17 -6.76
CA THR B 224 2.40 -17.77 -7.19
C THR B 224 1.09 -17.06 -7.52
N ALA B 225 -0.01 -17.80 -7.62
CA ALA B 225 -1.27 -17.20 -8.06
C ALA B 225 -2.49 -17.99 -7.68
N LEU B 226 -3.64 -17.33 -7.80
CA LEU B 226 -4.96 -17.97 -7.66
C LEU B 226 -5.65 -17.75 -8.98
N LYS B 227 -5.97 -18.84 -9.67
CA LYS B 227 -6.67 -18.74 -10.97
C LYS B 227 -8.03 -19.39 -10.87
N PHE B 228 -9.06 -18.67 -11.33
CA PHE B 228 -10.44 -19.10 -11.14
C PHE B 228 -11.06 -19.45 -12.47
N TYR B 229 -11.80 -20.56 -12.49
CA TYR B 229 -12.40 -21.10 -13.71
C TYR B 229 -13.90 -21.30 -13.55
N TYR B 230 -14.67 -20.84 -14.53
CA TYR B 230 -16.13 -21.05 -14.61
C TYR B 230 -16.41 -21.99 -15.76
N ASP B 231 -17.07 -23.10 -15.46
CA ASP B 231 -17.31 -24.15 -16.46
C ASP B 231 -16.04 -24.48 -17.27
N ASN B 232 -14.95 -24.68 -16.54
CA ASN B 232 -13.62 -25.04 -17.09
C ASN B 232 -12.87 -24.00 -17.91
N GLU B 233 -13.32 -22.75 -17.89
CA GLU B 233 -12.65 -21.69 -18.66
C GLU B 233 -12.22 -20.57 -17.73
N LEU B 234 -11.03 -20.03 -17.98
CA LEU B 234 -10.46 -19.02 -17.09
C LEU B 234 -11.37 -17.80 -16.96
N PHE B 235 -11.55 -17.35 -15.71
CA PHE B 235 -12.50 -16.28 -15.37
C PHE B 235 -11.85 -15.12 -14.61
N LYS B 236 -10.83 -15.42 -13.81
CA LYS B 236 -10.20 -14.41 -12.94
C LYS B 236 -8.83 -14.88 -12.51
N VAL B 237 -7.90 -13.93 -12.35
CA VAL B 237 -6.60 -14.23 -11.77
C VAL B 237 -6.27 -13.22 -10.67
N ILE B 238 -5.84 -13.75 -9.52
CA ILE B 238 -5.29 -12.92 -8.45
C ILE B 238 -3.84 -13.34 -8.30
N TYR B 239 -2.92 -12.37 -8.40
CA TYR B 239 -1.50 -12.67 -8.34
C TYR B 239 -1.09 -12.64 -6.87
N GLY B 240 -0.49 -13.72 -6.41
CA GLY B 240 -0.24 -13.88 -4.98
C GLY B 240 -0.95 -15.12 -4.46
N SER B 241 -0.48 -15.66 -3.36
CA SER B 241 -1.02 -16.92 -2.85
C SER B 241 -0.60 -17.09 -1.38
N PRO B 242 -1.52 -17.48 -0.51
CA PRO B 242 -1.16 -17.79 0.89
C PRO B 242 -0.17 -18.95 0.94
N ASP B 243 0.70 -18.93 1.95
CA ASP B 243 1.77 -19.93 2.06
C ASP B 243 1.64 -20.85 3.29
N TYR B 244 0.41 -21.25 3.59
CA TYR B 244 0.11 -22.12 4.71
C TYR B 244 -1.13 -22.91 4.37
N GLU B 245 -1.38 -23.98 5.14
CA GLU B 245 -2.58 -24.78 4.98
C GLU B 245 -3.82 -23.95 5.30
N MET B 246 -4.90 -24.24 4.57
CA MET B 246 -6.18 -23.56 4.75
C MET B 246 -7.30 -24.58 4.91
N GLY B 247 -8.30 -24.20 5.72
CA GLY B 247 -9.52 -24.98 5.89
C GLY B 247 -10.65 -24.43 5.03
N THR B 248 -11.72 -25.22 4.83
CA THR B 248 -12.80 -24.87 3.92
C THR B 248 -14.12 -24.67 4.64
N ILE B 249 -14.86 -23.64 4.21
CA ILE B 249 -16.24 -23.41 4.67
C ILE B 249 -17.16 -23.34 3.47
N LEU B 250 -18.30 -24.03 3.56
CA LEU B 250 -19.37 -23.93 2.59
C LEU B 250 -20.61 -23.50 3.35
N ASN B 251 -21.12 -22.32 3.04
CA ASN B 251 -22.28 -21.82 3.78
C ASN B 251 -23.17 -20.84 3.03
N ILE B 252 -24.22 -20.40 3.71
CA ILE B 252 -25.17 -19.46 3.12
C ILE B 252 -25.56 -18.50 4.23
N TYR B 253 -25.86 -17.26 3.85
CA TYR B 253 -26.11 -16.18 4.82
C TYR B 253 -27.36 -15.38 4.46
N THR B 254 -28.01 -14.82 5.48
CA THR B 254 -28.82 -13.63 5.25
C THR B 254 -28.76 -12.70 6.46
N ASP B 255 -29.23 -11.46 6.30
CA ASP B 255 -29.13 -10.43 7.32
C ASP B 255 -27.67 -10.12 7.72
N ALA B 256 -26.79 -10.24 6.73
CA ALA B 256 -25.37 -9.93 6.86
C ALA B 256 -25.05 -8.70 6.01
N GLY B 257 -23.78 -8.53 5.66
CA GLY B 257 -23.37 -7.37 4.88
C GLY B 257 -23.93 -7.34 3.46
N SER B 258 -24.45 -8.49 3.03
CA SER B 258 -25.02 -8.64 1.70
C SER B 258 -26.50 -8.33 1.69
N GLY B 259 -27.00 -7.74 2.78
CA GLY B 259 -28.34 -7.19 2.81
C GLY B 259 -29.35 -7.96 3.65
N ALA B 260 -30.35 -7.23 4.12
CA ALA B 260 -31.47 -7.79 4.89
C ALA B 260 -32.29 -8.72 4.02
N HIS B 261 -32.82 -9.77 4.65
CA HIS B 261 -33.60 -10.77 3.94
C HIS B 261 -34.78 -10.17 3.18
N ASN B 262 -35.06 -10.72 2.00
CA ASN B 262 -36.41 -10.53 1.43
C ASN B 262 -37.35 -11.58 2.01
N ASP B 263 -38.57 -11.67 1.50
CA ASP B 263 -39.56 -12.53 2.12
C ASP B 263 -39.74 -13.91 1.45
N VAL B 264 -38.75 -14.33 0.64
CA VAL B 264 -38.77 -15.66 0.02
C VAL B 264 -37.95 -16.64 0.86
N TRP B 265 -38.57 -17.75 1.26
CA TRP B 265 -37.92 -18.70 2.16
C TRP B 265 -38.15 -20.12 1.67
N PRO B 266 -37.25 -21.05 2.03
CA PRO B 266 -35.98 -20.79 2.74
C PRO B 266 -34.92 -20.19 1.83
N LYS B 267 -33.87 -19.58 2.41
CA LYS B 267 -32.68 -19.25 1.60
C LYS B 267 -31.92 -20.55 1.45
N GLU B 268 -31.68 -21.00 0.22
CA GLU B 268 -31.05 -22.31 0.04
C GLU B 268 -30.25 -22.38 -1.25
N TRP B 269 -29.20 -23.19 -1.24
CA TRP B 269 -28.45 -23.52 -2.45
C TRP B 269 -28.05 -24.98 -2.43
N ALA B 270 -27.56 -25.47 -3.56
CA ALA B 270 -27.31 -26.89 -3.72
C ALA B 270 -25.90 -27.11 -4.24
N ILE B 271 -25.15 -27.99 -3.56
CA ILE B 271 -23.77 -28.31 -3.95
C ILE B 271 -23.71 -29.79 -4.34
N ASP B 272 -23.40 -30.06 -5.61
CA ASP B 272 -23.33 -31.44 -6.14
C ASP B 272 -22.10 -32.21 -5.66
N TYR B 273 -20.95 -31.54 -5.63
CA TYR B 273 -19.72 -32.16 -5.14
C TYR B 273 -18.68 -31.11 -4.82
N MET B 274 -17.69 -31.50 -4.03
CA MET B 274 -16.45 -30.76 -3.91
C MET B 274 -15.31 -31.74 -4.14
N ARG B 275 -14.33 -31.33 -4.96
CA ARG B 275 -13.16 -32.15 -5.24
C ARG B 275 -11.90 -31.31 -5.18
N VAL B 276 -10.82 -31.91 -4.71
CA VAL B 276 -9.51 -31.25 -4.72
C VAL B 276 -8.49 -32.20 -5.33
N TRP B 277 -7.78 -31.72 -6.33
CA TRP B 277 -6.76 -32.53 -7.00
C TRP B 277 -5.39 -31.89 -6.78
N LYS B 278 -4.35 -32.73 -6.86
CA LYS B 278 -2.96 -32.25 -6.76
C LYS B 278 -2.20 -32.68 -8.03
N PRO B 279 -1.37 -31.79 -8.58
CA PRO B 279 -0.62 -32.13 -9.79
C PRO B 279 0.37 -33.24 -9.48
N VAL B 280 0.47 -34.21 -10.38
CA VAL B 280 1.31 -35.38 -10.18
C VAL B 280 2.74 -34.99 -9.87
N ASP B 281 3.31 -34.09 -10.66
CA ASP B 281 4.72 -33.72 -10.53
C ASP B 281 4.94 -32.53 -9.58
N GLY B 282 3.87 -32.05 -8.95
CA GLY B 282 3.93 -30.82 -8.18
C GLY B 282 3.84 -29.60 -9.08
N TYR B 283 3.73 -28.42 -8.47
CA TYR B 283 3.69 -27.17 -9.22
C TYR B 283 5.09 -26.69 -9.53
N LYS B 284 5.30 -26.29 -10.78
CA LYS B 284 6.60 -25.81 -11.26
C LYS B 284 6.57 -24.32 -11.56
N ASN B 290 10.42 -12.12 -20.78
CA ASN B 290 10.68 -12.81 -22.07
C ASN B 290 10.56 -11.87 -23.29
N ASN B 291 10.10 -12.38 -24.43
CA ASN B 291 9.99 -11.58 -25.65
C ASN B 291 8.65 -11.84 -26.29
N TYR B 292 8.05 -10.78 -26.82
CA TYR B 292 6.68 -10.86 -27.33
C TYR B 292 6.52 -10.11 -28.64
N LEU B 293 5.67 -10.66 -29.51
CA LEU B 293 5.07 -9.83 -30.54
C LEU B 293 3.79 -9.28 -29.93
N ILE B 294 3.32 -8.15 -30.43
CA ILE B 294 2.08 -7.54 -29.90
C ILE B 294 1.15 -7.27 -31.08
N ARG B 295 0.01 -7.97 -31.10
CA ARG B 295 -0.93 -7.91 -32.23
C ARG B 295 -2.25 -7.23 -31.87
N ASN B 296 -2.77 -6.40 -32.77
CA ASN B 296 -4.06 -5.73 -32.58
C ASN B 296 -5.20 -6.66 -32.94
N ARG B 297 -6.21 -6.73 -32.07
CA ARG B 297 -7.34 -7.67 -32.30
C ARG B 297 -8.12 -7.39 -33.58
N GLN B 298 -8.39 -6.10 -33.79
CA GLN B 298 -9.17 -5.67 -34.94
C GLN B 298 -8.44 -5.80 -36.27
N THR B 299 -7.21 -5.31 -36.36
CA THR B 299 -6.50 -5.24 -37.65
C THR B 299 -5.61 -6.44 -37.92
N GLY B 300 -5.23 -7.16 -36.86
CA GLY B 300 -4.29 -8.28 -36.99
C GLY B 300 -2.87 -7.85 -37.29
N LYS B 301 -2.58 -6.56 -37.09
CA LYS B 301 -1.24 -6.03 -37.36
C LYS B 301 -0.41 -6.02 -36.09
N PHE B 302 0.92 -5.95 -36.28
CA PHE B 302 1.89 -6.05 -35.18
C PHE B 302 2.60 -4.73 -34.90
N LEU B 303 2.86 -4.44 -33.63
CA LEU B 303 3.61 -3.24 -33.26
C LEU B 303 5.09 -3.35 -33.59
N TYR B 304 5.66 -2.28 -34.14
CA TYR B 304 7.11 -2.23 -34.30
C TYR B 304 7.58 -0.80 -34.36
N ILE B 305 8.90 -0.59 -34.20
CA ILE B 305 9.47 0.74 -34.32
C ILE B 305 10.30 0.81 -35.59
N GLU B 306 9.97 1.78 -36.43
CA GLU B 306 10.70 2.04 -37.68
C GLU B 306 11.80 3.05 -37.40
N GLU B 307 12.97 2.89 -38.01
CA GLU B 307 14.06 3.84 -37.82
C GLU B 307 13.65 5.22 -38.31
N ASN B 308 14.09 6.25 -37.59
CA ASN B 308 13.77 7.65 -37.91
C ASN B 308 12.26 7.97 -37.98
N ASN B 309 11.47 7.28 -37.16
CA ASN B 309 10.04 7.53 -37.10
C ASN B 309 9.71 7.81 -35.63
N ASP B 310 9.19 8.99 -35.33
CA ASP B 310 8.88 9.32 -33.93
C ASP B 310 7.58 8.66 -33.39
N LYS B 311 6.86 7.98 -34.28
CA LYS B 311 5.68 7.21 -33.89
C LYS B 311 6.03 5.74 -33.70
N VAL B 312 5.07 4.99 -33.17
CA VAL B 312 5.16 3.54 -33.12
C VAL B 312 4.26 3.03 -34.24
N SER B 313 4.84 2.23 -35.12
CA SER B 313 4.12 1.72 -36.29
C SER B 313 3.37 0.44 -35.97
N TYR B 314 2.42 0.09 -36.84
CA TYR B 314 1.94 -1.30 -36.87
C TYR B 314 1.87 -1.74 -38.33
N GLY B 315 1.94 -3.05 -38.55
CA GLY B 315 1.90 -3.58 -39.92
C GLY B 315 2.13 -5.06 -39.92
N ASP B 316 2.21 -5.66 -41.11
CA ASP B 316 2.51 -7.09 -41.20
C ASP B 316 3.95 -7.37 -40.81
N ILE B 317 4.20 -8.57 -40.26
CA ILE B 317 5.56 -9.02 -39.98
C ILE B 317 6.33 -9.21 -41.30
N THR B 318 7.52 -8.61 -41.40
CA THR B 318 8.45 -8.82 -42.52
C THR B 318 9.84 -9.19 -41.96
N LEU B 319 10.73 -9.67 -42.83
CA LEU B 319 12.09 -9.92 -42.40
C LEU B 319 12.79 -8.62 -41.99
N LYS B 320 12.43 -7.53 -42.66
CA LYS B 320 12.98 -6.20 -42.41
C LYS B 320 12.63 -5.65 -41.01
N ASN B 321 11.36 -5.81 -40.60
CA ASN B 321 10.91 -5.32 -39.30
C ASN B 321 10.88 -6.33 -38.15
N GLU B 322 11.23 -7.59 -38.44
CA GLU B 322 11.09 -8.65 -37.42
C GLU B 322 11.80 -8.36 -36.07
N LYS B 323 13.07 -7.94 -36.13
CA LYS B 323 13.81 -7.58 -34.92
C LYS B 323 13.14 -6.45 -34.16
N ASN B 324 12.63 -5.46 -34.91
CA ASN B 324 12.04 -4.25 -34.35
C ASN B 324 10.63 -4.48 -33.85
N ALA B 325 10.09 -5.69 -34.06
CA ALA B 325 8.71 -6.01 -33.66
C ALA B 325 8.63 -6.82 -32.37
N LYS B 326 9.78 -7.00 -31.71
CA LYS B 326 9.86 -7.80 -30.49
C LYS B 326 9.95 -6.92 -29.24
N TRP B 327 9.19 -7.29 -28.22
CA TRP B 327 9.02 -6.46 -27.03
C TRP B 327 9.25 -7.27 -25.76
N SER B 328 9.69 -6.60 -24.70
CA SER B 328 9.77 -7.24 -23.39
C SER B 328 8.99 -6.41 -22.38
N LYS B 329 8.58 -7.07 -21.31
CA LYS B 329 7.87 -6.40 -20.21
C LYS B 329 8.80 -6.21 -19.04
N GLU B 330 8.69 -5.04 -18.41
CA GLU B 330 9.36 -4.75 -17.16
C GLU B 330 8.30 -4.24 -16.19
N TYR B 331 8.57 -4.39 -14.90
CA TYR B 331 7.54 -4.10 -13.91
C TYR B 331 8.04 -3.10 -12.87
N ARG B 332 7.17 -2.15 -12.52
CA ARG B 332 7.41 -1.21 -11.42
C ARG B 332 6.09 -0.98 -10.70
N ASP B 333 6.08 -1.17 -9.37
CA ASP B 333 4.87 -0.91 -8.57
C ASP B 333 3.64 -1.69 -9.03
N GLY B 334 3.86 -2.81 -9.69
CA GLY B 334 2.78 -3.63 -10.21
C GLY B 334 2.35 -3.24 -11.62
N TYR B 335 2.93 -2.17 -12.15
CA TYR B 335 2.60 -1.69 -13.49
C TYR B 335 3.57 -2.28 -14.48
N THR B 336 3.18 -2.28 -15.75
CA THR B 336 4.00 -2.81 -16.84
C THR B 336 4.65 -1.70 -17.66
N LEU B 337 5.94 -1.85 -17.95
CA LEU B 337 6.58 -1.02 -18.97
C LEU B 337 6.79 -1.90 -20.20
N LEU B 338 6.65 -1.31 -21.38
CA LEU B 338 6.80 -2.04 -22.64
C LEU B 338 8.06 -1.54 -23.32
N LYS B 339 9.06 -2.41 -23.40
CA LYS B 339 10.36 -2.07 -23.96
C LYS B 339 10.58 -2.73 -25.31
N ASN B 340 11.00 -1.94 -26.30
CA ASN B 340 11.38 -2.50 -27.59
C ASN B 340 12.75 -3.18 -27.49
N ASN B 341 12.81 -4.46 -27.86
CA ASN B 341 14.03 -5.25 -27.68
C ASN B 341 15.23 -4.78 -28.49
N GLU B 342 14.97 -4.20 -29.65
CA GLU B 342 16.02 -3.74 -30.55
C GLU B 342 16.51 -2.32 -30.24
N THR B 343 15.59 -1.41 -29.92
CA THR B 343 16.00 -0.02 -29.68
C THR B 343 16.22 0.30 -28.20
N GLY B 344 15.78 -0.59 -27.32
CA GLY B 344 15.87 -0.36 -25.89
C GLY B 344 14.93 0.70 -25.31
N GLU B 345 13.98 1.19 -26.12
CA GLU B 345 13.07 2.27 -25.72
C GLU B 345 11.78 1.80 -25.05
N TYR B 346 11.22 2.64 -24.18
CA TYR B 346 9.95 2.38 -23.53
C TYR B 346 8.82 3.16 -24.20
N LEU B 347 7.66 2.53 -24.32
CA LEU B 347 6.48 3.23 -24.80
C LEU B 347 5.97 4.16 -23.72
N ASN B 348 5.72 5.41 -24.10
CA ASN B 348 5.29 6.41 -23.13
C ASN B 348 4.46 7.50 -23.78
N ILE B 349 3.84 8.34 -22.95
CA ILE B 349 3.05 9.45 -23.46
C ILE B 349 3.44 10.78 -22.78
N GLU B 350 4.73 10.94 -22.48
CA GLU B 350 5.22 12.11 -21.72
C GLU B 350 4.80 13.45 -22.30
N ASN B 351 4.83 13.57 -23.63
CA ASN B 351 4.47 14.83 -24.29
C ASN B 351 2.97 15.02 -24.64
N GLN B 352 2.15 14.01 -24.32
CA GLN B 352 0.70 14.07 -24.51
C GLN B 352 0.29 14.54 -25.91
N THR B 353 0.79 13.85 -26.93
CA THR B 353 0.55 14.23 -28.33
C THR B 353 -0.65 13.56 -28.98
N GLY B 354 -1.29 12.63 -28.25
CA GLY B 354 -2.33 11.79 -28.82
C GLY B 354 -1.79 10.48 -29.39
N TYR B 355 -0.46 10.38 -29.47
CA TYR B 355 0.19 9.19 -30.02
C TYR B 355 1.17 8.62 -29.01
N ILE B 356 1.36 7.31 -29.05
CA ILE B 356 2.39 6.68 -28.22
C ILE B 356 3.76 7.11 -28.72
N GLU B 357 4.61 7.50 -27.77
CA GLU B 357 6.00 7.86 -28.06
C GLU B 357 6.92 6.72 -27.66
N HIS B 358 8.17 6.76 -28.13
CA HIS B 358 9.18 5.79 -27.73
C HIS B 358 10.51 6.50 -27.43
N GLY B 359 11.12 6.14 -26.32
CA GLY B 359 12.41 6.73 -25.96
C GLY B 359 13.06 6.04 -24.80
N LYS B 360 14.37 6.24 -24.65
CA LYS B 360 15.09 5.70 -23.50
C LYS B 360 14.83 6.62 -22.31
N VAL B 361 13.59 6.61 -21.83
CA VAL B 361 13.14 7.46 -20.74
C VAL B 361 13.31 6.74 -19.38
N PRO B 362 13.33 7.48 -18.27
CA PRO B 362 13.43 6.86 -16.94
C PRO B 362 12.29 5.91 -16.62
N LYS B 363 12.60 4.74 -16.07
CA LYS B 363 11.56 3.76 -15.73
C LYS B 363 10.58 4.27 -14.65
N THR B 364 10.99 5.32 -13.93
CA THR B 364 10.19 5.91 -12.86
C THR B 364 9.06 6.82 -13.37
N TRP B 365 9.09 7.17 -14.66
CA TRP B 365 8.09 8.05 -15.26
C TRP B 365 6.76 7.33 -15.40
N TRP B 366 5.70 7.90 -14.82
CA TRP B 366 4.40 7.23 -14.85
C TRP B 366 3.81 7.19 -16.26
N SER B 367 4.23 8.12 -17.11
CA SER B 367 3.79 8.13 -18.52
C SER B 367 4.29 6.90 -19.28
N ALA B 368 5.29 6.23 -18.71
CA ALA B 368 5.86 5.01 -19.33
C ALA B 368 5.36 3.71 -18.70
N GLN B 369 4.40 3.83 -17.78
CA GLN B 369 3.90 2.69 -17.02
C GLN B 369 2.44 2.45 -17.36
N TRP B 370 2.04 1.18 -17.42
CA TRP B 370 0.74 0.76 -17.93
C TRP B 370 0.10 -0.31 -17.05
N SER B 371 -1.20 -0.17 -16.78
CA SER B 371 -1.96 -1.30 -16.22
C SER B 371 -2.27 -2.28 -17.35
N GLU B 372 -1.98 -3.56 -17.13
CA GLU B 372 -2.26 -4.61 -18.11
C GLU B 372 -3.59 -5.21 -17.71
N VAL B 373 -4.64 -4.90 -18.47
CA VAL B 373 -6.01 -5.26 -18.08
C VAL B 373 -6.57 -6.39 -18.99
N PRO B 374 -6.91 -7.54 -18.40
CA PRO B 374 -7.45 -8.65 -19.18
C PRO B 374 -8.90 -8.36 -19.61
N VAL B 375 -9.17 -8.50 -20.90
CA VAL B 375 -10.51 -8.27 -21.41
C VAL B 375 -10.78 -9.29 -22.50
N ASP B 376 -11.78 -10.14 -22.27
CA ASP B 376 -12.27 -11.03 -23.31
C ASP B 376 -11.14 -11.89 -23.95
N GLY B 377 -10.18 -12.32 -23.12
CA GLY B 377 -9.07 -13.12 -23.60
C GLY B 377 -7.91 -12.33 -24.20
N TYR B 378 -8.06 -11.02 -24.29
CA TYR B 378 -7.01 -10.12 -24.79
C TYR B 378 -6.51 -9.21 -23.68
N THR B 379 -5.65 -8.26 -24.03
CA THR B 379 -5.04 -7.33 -23.07
C THR B 379 -5.31 -5.89 -23.47
N ARG B 380 -5.72 -5.05 -22.52
CA ARG B 380 -5.73 -3.60 -22.75
C ARG B 380 -4.61 -2.99 -21.90
N PHE B 381 -4.04 -1.90 -22.40
CA PHE B 381 -2.99 -1.18 -21.70
C PHE B 381 -3.51 0.21 -21.35
N VAL B 382 -3.64 0.49 -20.05
CA VAL B 382 -4.21 1.76 -19.59
C VAL B 382 -3.12 2.49 -18.82
N ASN B 383 -2.86 3.75 -19.20
CA ASN B 383 -1.71 4.49 -18.70
C ASN B 383 -1.79 4.75 -17.19
N ARG B 384 -0.65 4.71 -16.50
CA ARG B 384 -0.63 5.03 -15.06
C ARG B 384 -0.84 6.52 -14.77
N TRP B 385 -0.13 7.35 -15.51
CA TRP B 385 -0.14 8.81 -15.33
C TRP B 385 -1.50 9.39 -15.68
N LYS B 386 -2.09 8.88 -16.77
CA LYS B 386 -3.38 9.35 -17.27
C LYS B 386 -4.29 8.13 -17.36
N PRO B 387 -4.90 7.74 -16.23
CA PRO B 387 -5.58 6.46 -16.10
C PRO B 387 -6.89 6.28 -16.90
N ASN B 388 -7.31 7.29 -17.66
CA ASN B 388 -8.43 7.08 -18.57
C ASN B 388 -7.96 6.80 -20.01
N MET B 389 -6.64 6.78 -20.21
CA MET B 389 -6.06 6.66 -21.54
C MET B 389 -5.61 5.24 -21.83
N SER B 390 -6.16 4.68 -22.89
CA SER B 390 -5.78 3.34 -23.32
C SER B 390 -5.09 3.36 -24.69
N ILE B 391 -4.26 2.33 -24.94
CA ILE B 391 -3.55 2.19 -26.22
C ILE B 391 -4.50 1.62 -27.28
N HIS B 392 -4.62 2.28 -28.43
CA HIS B 392 -5.56 1.85 -29.47
C HIS B 392 -5.14 2.30 -30.86
N THR B 393 -5.81 1.79 -31.89
CA THR B 393 -5.66 2.31 -33.27
C THR B 393 -7.01 2.58 -33.90
N GLU B 394 -7.88 3.30 -33.17
CA GLU B 394 -9.26 3.52 -33.62
C GLU B 394 -9.37 4.43 -34.87
N SER B 395 -8.32 5.19 -35.19
CA SER B 395 -8.31 6.00 -36.41
C SER B 395 -7.67 5.25 -37.59
N TYR B 396 -7.04 4.12 -37.30
CA TYR B 396 -6.40 3.26 -38.31
C TYR B 396 -5.43 4.06 -39.19
N GLU B 397 -4.55 4.80 -38.53
CA GLU B 397 -3.64 5.72 -39.21
C GLU B 397 -2.27 5.09 -39.56
N GLY B 398 -2.07 3.82 -39.20
CA GLY B 398 -0.80 3.14 -39.43
C GLY B 398 0.16 3.27 -38.25
N VAL B 399 -0.26 4.03 -37.24
CA VAL B 399 0.55 4.33 -36.05
C VAL B 399 -0.27 4.18 -34.77
N LEU B 400 0.43 4.06 -33.64
CA LEU B 400 -0.20 3.78 -32.37
C LEU B 400 -0.74 5.04 -31.64
N GLN B 401 -1.99 4.98 -31.21
CA GLN B 401 -2.61 6.10 -30.52
C GLN B 401 -2.87 5.80 -29.03
N TYR B 402 -3.24 6.82 -28.28
CA TYR B 402 -3.91 6.60 -27.01
C TYR B 402 -5.13 7.52 -26.95
N GLY B 403 -6.10 7.16 -26.11
CA GLY B 403 -7.27 8.00 -25.92
C GLY B 403 -8.29 7.31 -25.05
N ASN B 404 -9.45 7.94 -24.93
CA ASN B 404 -10.54 7.40 -24.14
C ASN B 404 -11.49 6.67 -25.11
N VAL B 405 -11.38 5.34 -25.15
CA VAL B 405 -12.27 4.54 -26.02
C VAL B 405 -12.76 3.34 -25.20
N PRO B 406 -13.95 2.81 -25.51
CA PRO B 406 -14.52 1.73 -24.68
C PRO B 406 -13.68 0.46 -24.63
N ASN B 407 -13.77 -0.26 -23.51
CA ASN B 407 -13.00 -1.51 -23.38
C ASN B 407 -13.42 -2.58 -24.39
N THR B 408 -14.59 -2.41 -25.00
CA THR B 408 -15.11 -3.40 -25.95
C THR B 408 -14.61 -3.20 -27.38
N TYR B 409 -13.91 -2.09 -27.62
CA TYR B 409 -13.45 -1.77 -28.96
C TYR B 409 -12.23 -2.60 -29.30
N TRP B 410 -12.34 -3.43 -30.33
CA TRP B 410 -11.24 -4.33 -30.67
C TRP B 410 -9.95 -3.59 -31.09
N THR B 411 -10.05 -2.35 -31.58
CA THR B 411 -8.81 -1.60 -31.85
C THR B 411 -8.03 -1.29 -30.58
N SER B 412 -8.65 -1.47 -29.41
CA SER B 412 -7.94 -1.23 -28.14
C SER B 412 -7.55 -2.53 -27.43
N GLN B 413 -7.70 -3.66 -28.11
CA GLN B 413 -7.43 -4.96 -27.52
C GLN B 413 -6.23 -5.60 -28.18
N TRP B 414 -5.34 -6.17 -27.36
CA TRP B 414 -4.04 -6.61 -27.85
C TRP B 414 -3.72 -8.06 -27.45
N GLN B 415 -3.01 -8.76 -28.32
CA GLN B 415 -2.59 -10.12 -28.00
C GLN B 415 -1.07 -10.15 -27.92
N LEU B 416 -0.55 -10.54 -26.76
CA LEU B 416 0.89 -10.70 -26.55
C LEU B 416 1.25 -12.14 -26.89
N ILE B 417 2.14 -12.31 -27.85
CA ILE B 417 2.52 -13.64 -28.33
C ILE B 417 4.00 -13.87 -28.10
N PRO B 418 4.32 -14.78 -27.18
CA PRO B 418 5.72 -15.09 -26.88
C PRO B 418 6.46 -15.56 -28.11
N VAL B 419 7.68 -15.04 -28.31
CA VAL B 419 8.51 -15.42 -29.44
C VAL B 419 9.97 -15.58 -29.02
N GLU B 420 10.71 -16.40 -29.77
CA GLU B 420 12.15 -16.52 -29.57
C GLU B 420 12.88 -15.31 -30.18
CA CA C . -0.49 21.33 27.14
CA CA D . -23.38 -35.37 -6.01
#